data_5NFG
#
_entry.id   5NFG
#
_cell.length_a   52.580
_cell.length_b   143.130
_cell.length_c   64.710
_cell.angle_alpha   90.00
_cell.angle_beta   107.90
_cell.angle_gamma   90.00
#
_symmetry.space_group_name_H-M   'P 1 21 1'
#
loop_
_entity.id
_entity.type
_entity.pdbx_description
1 polymer Procardosin-B,Procardosin-B
2 branched alpha-D-mannopyranose-(1-2)-[alpha-D-mannopyranose-(1-6)]alpha-D-mannopyranose-(1-3)-beta-D-mannopyranose-(1-4)-2-acetamido-2-deoxy-beta-D-glucopyranose-(1-4)-2-acetamido-2-deoxy-beta-D-glucopyranose
3 branched alpha-D-mannopyranose-(1-6)-beta-D-mannopyranose-(1-4)-2-acetamido-2-deoxy-beta-D-glucopyranose-(1-4)-2-acetamido-2-deoxy-beta-D-glucopyranose
4 water water
#
_entity_poly.entity_id   1
_entity_poly.type   'polypeptide(L)'
_entity_poly.pdbx_seq_one_letter_code
;MVSNGGLLRVGLKKRKVDRLDQLRAHGVHMLGNARKDFGFRRTLRDSGSGIVALTNDRDTAYYGEIGIGTPPQNFAVIFD
TGSSDLWVPSTKCDTSLACVIHPRYDSGDSSTYKGNGTTASIQYGTGAIVGFYSQDSVEVGDLVVEHQDFIETTEEDDTV
FLKSEFDGILGLGFQEISAGKAVPVWYNMVNQGLVEEAVFSFWLNRNVDEEEGGELVFGGVDPNHFRGNHTYVPVTRKGY
WQFEMGDVLIGDKSSGFCAGGCAAIADSGTSFFAGPTAIITQINQAIGAKGGGGSAESIVDCNGISSMPNIAFTIGSKLF
EVTPEQYIYKVGEGEAATCISGFTALDIMSPQGPIWILGDMFMGPYHTVFDYGKLRVGFAEAV
;
_entity_poly.pdbx_strand_id   A,B
#
# COMPACT_ATOMS: atom_id res chain seq x y z
N ARG A 45 18.85 9.65 -10.98
CA ARG A 45 17.46 9.23 -11.25
C ARG A 45 16.59 9.33 -9.99
N ASP A 46 15.45 10.01 -10.15
CA ASP A 46 14.54 10.32 -9.04
C ASP A 46 13.12 9.98 -9.49
N SER A 47 12.63 8.85 -9.00
CA SER A 47 11.29 8.33 -9.24
C SER A 47 11.30 7.03 -8.46
N GLY A 48 10.16 6.58 -7.98
CA GLY A 48 8.89 7.25 -8.12
C GLY A 48 7.93 6.56 -7.20
N SER A 49 8.37 6.32 -5.95
CA SER A 49 7.52 5.54 -5.06
C SER A 49 6.45 6.42 -4.42
N GLY A 50 6.79 7.66 -4.05
CA GLY A 50 5.83 8.51 -3.36
C GLY A 50 5.70 8.30 -1.86
N ILE A 51 6.58 7.48 -1.26
CA ILE A 51 6.53 7.21 0.18
C ILE A 51 7.34 8.25 0.98
N VAL A 52 6.79 8.70 2.11
CA VAL A 52 7.52 9.54 3.06
C VAL A 52 7.43 8.90 4.44
N ALA A 53 8.57 8.56 5.01
CA ALA A 53 8.60 8.05 6.37
C ALA A 53 8.46 9.23 7.33
N LEU A 54 7.59 9.10 8.32
CA LEU A 54 7.28 10.16 9.26
C LEU A 54 7.91 9.91 10.63
N THR A 55 8.47 10.97 11.24
CA THR A 55 9.00 10.89 12.59
C THR A 55 7.92 11.36 13.55
N ASN A 56 7.79 10.66 14.67
CA ASN A 56 6.78 10.96 15.67
C ASN A 56 7.50 11.56 16.88
N ASP A 57 7.21 12.83 17.16
CA ASP A 57 7.72 13.53 18.35
C ASP A 57 6.63 13.56 19.42
N ARG A 58 6.79 12.70 20.42
CA ARG A 58 5.90 12.54 21.60
C ARG A 58 4.42 12.65 21.25
N ASP A 59 4.03 11.95 20.18
CA ASP A 59 2.64 11.92 19.73
C ASP A 59 2.06 13.29 19.43
N THR A 60 2.86 14.36 19.53
CA THR A 60 2.35 15.71 19.35
C THR A 60 2.49 16.23 17.91
N ALA A 61 3.50 15.81 17.14
CA ALA A 61 3.67 16.28 15.76
C ALA A 61 4.38 15.23 14.92
N TYR A 62 4.04 15.16 13.64
CA TYR A 62 4.63 14.17 12.74
C TYR A 62 5.28 14.90 11.58
N TYR A 63 6.52 14.56 11.28
CA TYR A 63 7.22 15.26 10.20
C TYR A 63 8.10 14.31 9.39
N GLY A 64 8.44 14.75 8.16
CA GLY A 64 9.34 14.02 7.31
C GLY A 64 10.23 14.97 6.53
N GLU A 65 11.20 14.39 5.82
N GLU A 65 11.22 14.39 5.85
CA GLU A 65 12.20 15.14 5.07
CA GLU A 65 12.17 15.17 5.08
C GLU A 65 11.70 15.46 3.66
C GLU A 65 11.63 15.49 3.70
N ILE A 66 11.93 16.70 3.23
CA ILE A 66 11.79 17.07 1.82
C ILE A 66 13.10 17.73 1.42
N GLY A 67 13.36 17.77 0.12
CA GLY A 67 14.51 18.46 -0.45
C GLY A 67 14.06 19.63 -1.32
N ILE A 68 14.76 20.76 -1.18
CA ILE A 68 14.47 21.95 -1.99
C ILE A 68 15.75 22.35 -2.71
N GLY A 69 15.62 22.66 -4.01
CA GLY A 69 16.74 23.13 -4.79
C GLY A 69 17.61 22.02 -5.35
N THR A 70 18.48 22.40 -6.30
CA THR A 70 19.54 21.51 -6.74
C THR A 70 20.88 22.26 -6.63
N PRO A 71 21.81 21.69 -5.84
CA PRO A 71 21.64 20.41 -5.13
C PRO A 71 20.70 20.55 -3.92
N PRO A 72 20.02 19.47 -3.56
CA PRO A 72 18.91 19.56 -2.60
C PRO A 72 19.33 20.07 -1.23
N GLN A 73 18.45 20.88 -0.64
CA GLN A 73 18.59 21.35 0.73
C GLN A 73 17.46 20.74 1.55
N ASN A 74 17.84 19.98 2.57
CA ASN A 74 16.94 19.11 3.29
C ASN A 74 16.31 19.84 4.46
N PHE A 75 15.00 19.62 4.65
CA PHE A 75 14.23 20.23 5.72
C PHE A 75 13.27 19.23 6.31
N ALA A 76 13.14 19.25 7.65
CA ALA A 76 12.06 18.52 8.30
C ALA A 76 10.79 19.36 8.26
N VAL A 77 9.71 18.76 7.81
CA VAL A 77 8.49 19.48 7.47
C VAL A 77 7.31 18.65 7.96
N ILE A 78 6.35 19.30 8.62
CA ILE A 78 5.08 18.68 8.96
C ILE A 78 4.19 18.66 7.71
N PHE A 79 3.54 17.52 7.45
CA PHE A 79 2.59 17.40 6.36
C PHE A 79 1.19 17.68 6.90
N ASP A 80 0.59 18.79 6.45
CA ASP A 80 -0.56 19.43 7.11
C ASP A 80 -1.73 19.58 6.15
N THR A 81 -2.78 18.79 6.33
CA THR A 81 -3.98 18.93 5.51
C THR A 81 -4.86 20.11 5.89
N GLY A 82 -4.41 20.94 6.85
CA GLY A 82 -5.19 22.08 7.30
C GLY A 82 -4.81 23.40 6.66
N SER A 83 -3.59 23.46 6.09
CA SER A 83 -3.09 24.63 5.39
C SER A 83 -2.62 24.19 4.01
N SER A 84 -2.29 25.15 3.14
CA SER A 84 -2.02 24.86 1.74
C SER A 84 -0.68 25.34 1.21
N ASP A 85 0.10 26.09 1.99
CA ASP A 85 1.41 26.56 1.53
C ASP A 85 2.55 25.62 1.94
N LEU A 86 3.63 25.67 1.20
CA LEU A 86 4.91 25.15 1.68
C LEU A 86 5.78 26.29 2.21
N TRP A 87 6.30 26.17 3.44
CA TRP A 87 7.23 27.20 3.93
C TRP A 87 8.36 26.60 4.77
N VAL A 88 9.53 27.21 4.66
CA VAL A 88 10.73 26.80 5.39
C VAL A 88 11.55 28.04 5.77
N PRO A 89 12.45 27.90 6.74
CA PRO A 89 13.28 29.05 7.12
C PRO A 89 14.18 29.49 5.97
N SER A 90 14.37 30.80 5.87
CA SER A 90 15.15 31.44 4.83
C SER A 90 16.47 31.96 5.38
N THR A 91 17.51 31.98 4.53
CA THR A 91 18.76 32.65 4.89
C THR A 91 18.54 34.14 5.11
N LYS A 92 17.44 34.70 4.64
CA LYS A 92 17.14 36.11 4.82
C LYS A 92 16.39 36.41 6.12
N CYS A 93 16.31 35.44 7.05
CA CYS A 93 15.66 35.63 8.35
C CYS A 93 16.72 35.67 9.45
N ASP A 94 17.07 36.89 9.88
CA ASP A 94 18.11 37.10 10.90
C ASP A 94 17.58 37.67 12.21
N THR A 95 16.28 37.96 12.32
CA THR A 95 15.74 38.52 13.54
C THR A 95 14.97 37.51 14.38
N SER A 96 14.74 36.31 13.87
CA SER A 96 13.99 35.29 14.61
C SER A 96 14.90 34.13 14.98
N LEU A 97 14.85 33.72 16.26
CA LEU A 97 15.71 32.64 16.73
C LEU A 97 15.43 31.34 15.99
N ALA A 98 14.17 31.08 15.68
CA ALA A 98 13.80 29.82 15.04
C ALA A 98 14.52 29.65 13.69
N CYS A 99 14.55 30.70 12.87
CA CYS A 99 15.29 30.59 11.63
C CYS A 99 16.77 30.41 11.87
N VAL A 100 17.32 30.99 12.93
CA VAL A 100 18.75 30.92 13.15
C VAL A 100 19.17 29.53 13.64
N ILE A 101 18.32 28.85 14.41
CA ILE A 101 18.67 27.55 15.00
C ILE A 101 18.27 26.37 14.11
N HIS A 102 17.45 26.59 13.10
CA HIS A 102 16.98 25.58 12.17
C HIS A 102 17.72 25.71 10.85
N PRO A 103 17.77 24.65 10.04
CA PRO A 103 18.36 24.81 8.71
C PRO A 103 17.55 25.81 7.90
N ARG A 104 18.23 26.57 7.05
CA ARG A 104 17.63 27.66 6.29
C ARG A 104 17.91 27.48 4.81
N TYR A 105 16.91 27.78 3.98
CA TYR A 105 17.06 27.70 2.52
C TYR A 105 17.90 28.85 2.00
N ASP A 106 18.82 28.55 1.09
CA ASP A 106 19.71 29.54 0.48
C ASP A 106 19.54 29.54 -1.04
N SER A 107 18.90 30.58 -1.57
CA SER A 107 18.60 30.61 -2.99
C SER A 107 19.86 30.74 -3.84
N GLY A 108 20.90 31.42 -3.34
CA GLY A 108 22.17 31.52 -4.05
C GLY A 108 22.85 30.20 -4.36
N ASP A 109 22.50 29.14 -3.64
CA ASP A 109 23.11 27.84 -3.87
C ASP A 109 22.26 26.89 -4.71
N SER A 110 21.06 27.31 -5.12
CA SER A 110 20.21 26.47 -5.95
C SER A 110 20.28 26.97 -7.39
N SER A 111 20.64 26.08 -8.31
CA SER A 111 20.68 26.44 -9.72
C SER A 111 19.30 26.51 -10.35
N THR A 112 18.29 25.83 -9.77
CA THR A 112 16.93 25.91 -10.25
C THR A 112 16.09 27.02 -9.59
N TYR A 113 16.71 27.87 -8.77
CA TYR A 113 15.96 28.90 -8.06
C TYR A 113 15.53 30.03 -8.99
N LYS A 114 14.28 30.45 -8.85
CA LYS A 114 13.70 31.51 -9.66
C LYS A 114 12.98 32.51 -8.73
N GLY A 115 13.51 33.72 -8.65
CA GLY A 115 12.97 34.68 -7.70
C GLY A 115 11.53 35.04 -8.01
N ASN A 116 10.80 35.39 -6.94
CA ASN A 116 9.44 35.89 -7.04
C ASN A 116 9.29 37.15 -6.18
N GLY A 117 9.28 37.00 -4.86
CA GLY A 117 9.30 38.13 -3.96
C GLY A 117 7.95 38.59 -3.44
N THR A 118 6.85 37.95 -3.84
CA THR A 118 5.53 38.33 -3.33
C THR A 118 5.47 37.99 -1.84
N THR A 119 5.20 39.01 -1.02
CA THR A 119 5.16 38.83 0.43
C THR A 119 3.86 38.15 0.86
N ALA A 120 3.92 37.53 2.04
CA ALA A 120 2.84 36.70 2.58
C ALA A 120 2.91 36.74 4.10
N SER A 121 1.79 36.44 4.73
CA SER A 121 1.67 36.50 6.18
C SER A 121 0.68 35.45 6.65
N ILE A 122 1.09 34.62 7.61
CA ILE A 122 0.28 33.51 8.09
C ILE A 122 0.25 33.54 9.61
N GLN A 123 -0.96 33.60 10.18
CA GLN A 123 -1.12 33.62 11.63
C GLN A 123 -1.00 32.22 12.22
N TYR A 124 -0.18 32.08 13.27
CA TYR A 124 -0.06 30.83 14.02
C TYR A 124 -0.29 31.18 15.49
N GLY A 125 -1.52 30.90 15.95
CA GLY A 125 -1.93 31.22 17.29
C GLY A 125 -1.99 32.71 17.50
N THR A 126 -1.25 33.19 18.50
CA THR A 126 -1.19 34.62 18.78
C THR A 126 -0.26 35.34 17.80
N GLY A 127 0.86 34.72 17.45
CA GLY A 127 1.81 35.32 16.54
C GLY A 127 1.57 34.93 15.10
N ALA A 128 2.66 34.85 14.33
CA ALA A 128 2.52 34.64 12.90
C ALA A 128 3.87 34.23 12.31
N ILE A 129 3.83 33.84 11.04
CA ILE A 129 5.02 33.70 10.22
C ILE A 129 4.86 34.66 9.06
N VAL A 130 5.99 35.22 8.62
CA VAL A 130 6.02 36.21 7.55
C VAL A 130 7.16 35.85 6.61
N GLY A 131 6.96 36.07 5.31
CA GLY A 131 8.03 35.87 4.35
C GLY A 131 7.61 36.25 2.94
N PHE A 132 8.35 35.72 1.96
CA PHE A 132 8.11 36.01 0.56
C PHE A 132 8.18 34.73 -0.25
N TYR A 133 7.53 34.74 -1.40
CA TYR A 133 7.45 33.56 -2.25
C TYR A 133 8.71 33.39 -3.09
N SER A 134 9.07 32.12 -3.29
CA SER A 134 10.10 31.73 -4.24
C SER A 134 9.64 30.48 -5.01
N GLN A 135 10.39 30.15 -6.05
CA GLN A 135 10.14 28.95 -6.82
C GLN A 135 11.42 28.13 -6.88
N ASP A 136 11.28 26.81 -6.76
CA ASP A 136 12.39 25.88 -6.89
C ASP A 136 11.80 24.47 -7.05
N SER A 137 12.69 23.49 -7.17
CA SER A 137 12.31 22.09 -7.26
C SER A 137 12.15 21.53 -5.86
N VAL A 138 11.15 20.69 -5.67
CA VAL A 138 10.94 20.05 -4.37
C VAL A 138 10.85 18.54 -4.56
N GLU A 139 11.63 17.78 -3.77
CA GLU A 139 11.61 16.32 -3.79
C GLU A 139 10.92 15.84 -2.53
N VAL A 140 9.71 15.28 -2.70
CA VAL A 140 8.96 14.65 -1.63
C VAL A 140 8.66 13.21 -2.07
N GLY A 141 8.97 12.25 -1.20
CA GLY A 141 8.78 10.83 -1.54
C GLY A 141 9.50 10.38 -2.80
N ASP A 142 10.65 10.97 -3.09
CA ASP A 142 11.40 10.77 -4.32
C ASP A 142 10.62 11.14 -5.58
N LEU A 143 9.59 11.97 -5.45
CA LEU A 143 8.97 12.65 -6.57
C LEU A 143 9.54 14.06 -6.66
N VAL A 144 10.15 14.38 -7.80
CA VAL A 144 10.72 15.72 -8.02
C VAL A 144 9.64 16.59 -8.65
N VAL A 145 9.06 17.46 -7.83
CA VAL A 145 7.98 18.34 -8.23
C VAL A 145 8.61 19.62 -8.76
N GLU A 146 8.53 19.82 -10.07
CA GLU A 146 9.22 20.96 -10.66
C GLU A 146 8.45 22.25 -10.42
N HIS A 147 9.20 23.36 -10.51
CA HIS A 147 8.73 24.74 -10.32
C HIS A 147 7.65 24.90 -9.24
N GLN A 148 8.02 24.67 -7.98
CA GLN A 148 7.07 24.76 -6.89
C GLN A 148 7.23 26.13 -6.21
N ASP A 149 6.12 26.84 -6.05
CA ASP A 149 6.11 28.06 -5.28
C ASP A 149 6.04 27.72 -3.80
N PHE A 150 6.86 28.37 -3.00
CA PHE A 150 6.87 28.15 -1.57
C PHE A 150 7.32 29.46 -0.89
N ILE A 151 7.14 29.53 0.42
CA ILE A 151 7.46 30.74 1.18
C ILE A 151 8.80 30.54 1.87
N GLU A 152 9.71 31.49 1.66
CA GLU A 152 10.90 31.68 2.48
C GLU A 152 10.50 32.60 3.63
N THR A 153 10.63 32.13 4.88
CA THR A 153 10.15 32.92 6.01
C THR A 153 11.17 33.95 6.44
N THR A 154 10.67 35.16 6.70
CA THR A 154 11.46 36.27 7.22
C THR A 154 11.38 36.39 8.73
N GLU A 155 10.26 36.00 9.34
CA GLU A 155 10.06 36.08 10.78
C GLU A 155 9.19 34.90 11.22
N GLU A 156 9.48 34.36 12.39
CA GLU A 156 8.72 33.24 12.94
C GLU A 156 8.48 33.48 14.42
N ASP A 157 7.27 33.17 14.87
CA ASP A 157 6.95 33.26 16.30
C ASP A 157 7.74 32.21 17.08
N ASP A 158 8.68 32.68 17.91
CA ASP A 158 9.59 31.80 18.64
C ASP A 158 8.90 30.98 19.72
N THR A 159 7.69 31.39 20.15
CA THR A 159 7.01 30.62 21.18
C THR A 159 6.53 29.27 20.66
N VAL A 160 6.14 29.17 19.39
CA VAL A 160 5.71 27.90 18.84
C VAL A 160 6.85 27.12 18.19
N PHE A 161 7.80 27.81 17.55
CA PHE A 161 8.72 27.17 16.62
C PHE A 161 10.15 27.08 17.11
N LEU A 162 10.48 27.62 18.28
CA LEU A 162 11.87 27.60 18.71
C LEU A 162 12.33 26.19 19.03
N LYS A 163 11.57 25.47 19.85
CA LYS A 163 11.93 24.12 20.26
C LYS A 163 11.29 23.05 19.38
N SER A 164 10.74 23.42 18.23
CA SER A 164 10.19 22.42 17.32
C SER A 164 11.30 21.54 16.77
N GLU A 165 11.02 20.24 16.65
CA GLU A 165 11.94 19.34 15.94
C GLU A 165 11.83 19.54 14.43
N PHE A 166 10.66 19.93 13.94
CA PHE A 166 10.48 20.22 12.54
C PHE A 166 10.93 21.66 12.25
N ASP A 167 11.22 21.91 10.98
CA ASP A 167 11.65 23.21 10.46
C ASP A 167 10.55 23.92 9.70
N GLY A 168 9.65 23.20 9.04
CA GLY A 168 8.67 23.85 8.19
C GLY A 168 7.36 23.10 8.14
N ILE A 169 6.47 23.52 7.23
CA ILE A 169 5.15 22.92 7.02
C ILE A 169 4.94 22.82 5.52
N LEU A 170 4.48 21.65 5.06
CA LEU A 170 4.10 21.40 3.67
C LEU A 170 2.59 21.26 3.69
N GLY A 171 1.90 22.25 3.14
CA GLY A 171 0.45 22.27 3.20
C GLY A 171 -0.16 21.36 2.16
N LEU A 172 -1.13 20.53 2.58
CA LEU A 172 -1.79 19.59 1.70
C LEU A 172 -3.27 19.92 1.50
N GLY A 173 -3.71 21.11 1.93
CA GLY A 173 -5.05 21.56 1.62
C GLY A 173 -5.15 22.17 0.23
N PHE A 174 -6.33 22.72 -0.05
CA PHE A 174 -6.67 23.25 -1.36
C PHE A 174 -6.11 24.66 -1.56
N GLN A 175 -6.13 25.10 -2.83
CA GLN A 175 -5.45 26.33 -3.22
C GLN A 175 -6.13 27.59 -2.67
N GLU A 176 -7.45 27.54 -2.50
CA GLU A 176 -8.23 28.69 -2.05
C GLU A 176 -7.71 29.28 -0.75
N ILE A 177 -7.19 28.45 0.15
CA ILE A 177 -6.70 28.91 1.44
C ILE A 177 -5.17 29.04 1.48
N SER A 178 -4.51 29.15 0.33
CA SER A 178 -3.10 29.54 0.30
C SER A 178 -2.93 31.05 0.36
N ALA A 179 -1.95 31.50 1.16
CA ALA A 179 -1.73 32.93 1.37
C ALA A 179 -1.76 33.71 0.06
N GLY A 180 -0.85 33.40 -0.86
CA GLY A 180 -0.87 34.00 -2.19
C GLY A 180 -1.58 33.21 -3.28
N LYS A 181 -2.48 32.30 -2.88
CA LYS A 181 -3.13 31.39 -3.83
C LYS A 181 -2.10 30.63 -4.67
N ALA A 182 -1.00 30.24 -4.05
CA ALA A 182 0.01 29.44 -4.73
C ALA A 182 -0.55 28.05 -5.05
N VAL A 183 -0.10 27.50 -6.18
CA VAL A 183 -0.47 26.11 -6.55
C VAL A 183 0.21 25.18 -5.54
N PRO A 184 -0.56 24.43 -4.75
CA PRO A 184 0.05 23.59 -3.73
C PRO A 184 0.84 22.42 -4.33
N VAL A 185 1.72 21.85 -3.50
CA VAL A 185 2.62 20.77 -3.92
C VAL A 185 1.83 19.63 -4.55
N TRP A 186 0.79 19.16 -3.85
CA TRP A 186 -0.02 18.06 -4.34
C TRP A 186 -0.64 18.35 -5.70
N TYR A 187 -1.06 19.60 -5.94
CA TYR A 187 -1.63 19.89 -7.27
C TYR A 187 -0.56 19.76 -8.33
N ASN A 188 0.65 20.24 -8.04
CA ASN A 188 1.73 20.12 -9.02
C ASN A 188 2.08 18.66 -9.27
N MET A 189 2.08 17.85 -8.22
CA MET A 189 2.28 16.42 -8.31
C MET A 189 1.30 15.81 -9.31
N VAL A 190 0.01 16.03 -9.08
CA VAL A 190 -1.03 15.58 -10.01
C VAL A 190 -0.78 16.12 -11.41
N ASN A 191 -0.41 17.40 -11.52
CA ASN A 191 -0.27 18.04 -12.83
C ASN A 191 0.93 17.52 -13.62
N GLN A 192 2.00 17.13 -12.93
CA GLN A 192 3.20 16.62 -13.56
C GLN A 192 3.13 15.11 -13.77
N GLY A 193 2.03 14.48 -13.36
CA GLY A 193 1.84 13.06 -13.58
C GLY A 193 2.73 12.18 -12.72
N LEU A 194 3.04 12.62 -11.51
CA LEU A 194 3.98 11.88 -10.67
C LEU A 194 3.33 10.84 -9.79
N VAL A 195 2.02 10.60 -9.91
CA VAL A 195 1.29 9.69 -9.03
C VAL A 195 0.32 8.90 -9.88
N GLU A 196 0.12 7.62 -9.52
CA GLU A 196 -0.75 6.74 -10.29
C GLU A 196 -2.21 6.90 -9.90
N GLU A 197 -2.47 7.27 -8.64
CA GLU A 197 -3.81 7.50 -8.11
C GLU A 197 -3.89 8.92 -7.57
N ALA A 198 -5.05 9.54 -7.75
CA ALA A 198 -5.24 10.91 -7.26
C ALA A 198 -5.71 10.92 -5.81
N VAL A 199 -4.97 10.20 -4.96
CA VAL A 199 -5.22 10.19 -3.52
C VAL A 199 -3.87 10.25 -2.80
N PHE A 200 -3.92 10.66 -1.53
CA PHE A 200 -2.78 10.53 -0.64
C PHE A 200 -3.32 10.06 0.69
N SER A 201 -2.48 9.43 1.51
CA SER A 201 -3.00 8.81 2.73
C SER A 201 -1.95 8.76 3.84
N PHE A 202 -2.44 8.65 5.09
CA PHE A 202 -1.65 8.75 6.32
C PHE A 202 -1.80 7.51 7.18
N TRP A 203 -0.67 6.98 7.65
CA TRP A 203 -0.64 6.12 8.81
C TRP A 203 0.18 6.85 9.87
N LEU A 204 -0.43 7.13 11.02
CA LEU A 204 0.26 7.79 12.13
C LEU A 204 0.36 6.81 13.28
N ASN A 205 1.60 6.44 13.62
CA ASN A 205 1.82 5.50 14.72
C ASN A 205 1.65 6.23 16.04
N ARG A 206 0.76 5.73 16.89
CA ARG A 206 0.46 6.36 18.17
C ARG A 206 1.33 5.82 19.29
N ASN A 207 2.02 4.72 19.07
CA ASN A 207 2.86 4.10 20.07
C ASN A 207 4.22 4.78 19.99
N VAL A 208 4.50 5.70 20.92
CA VAL A 208 5.72 6.50 20.82
C VAL A 208 6.97 5.68 21.14
N ASP A 209 6.81 4.49 21.71
CA ASP A 209 7.93 3.60 22.01
C ASP A 209 8.51 2.92 20.77
N GLU A 210 7.72 2.77 19.72
CA GLU A 210 8.19 2.09 18.53
C GLU A 210 9.04 3.01 17.67
N GLU A 211 9.72 2.42 16.70
CA GLU A 211 10.71 3.13 15.90
C GLU A 211 10.11 3.77 14.64
N GLU A 212 9.04 3.20 14.10
CA GLU A 212 8.33 3.83 12.98
C GLU A 212 7.34 4.87 13.52
N GLY A 213 7.57 6.14 13.17
CA GLY A 213 6.63 7.17 13.59
C GLY A 213 5.36 7.21 12.78
N GLY A 214 5.42 6.81 11.52
CA GLY A 214 4.26 6.83 10.66
C GLY A 214 4.68 6.82 9.22
N GLU A 215 3.69 6.92 8.33
CA GLU A 215 3.99 6.84 6.91
C GLU A 215 2.95 7.58 6.10
N LEU A 216 3.40 8.45 5.20
CA LEU A 216 2.54 9.21 4.31
C LEU A 216 2.79 8.75 2.89
N VAL A 217 1.72 8.46 2.16
CA VAL A 217 1.81 7.89 0.83
C VAL A 217 1.20 8.86 -0.17
N PHE A 218 2.01 9.33 -1.13
CA PHE A 218 1.49 10.12 -2.23
C PHE A 218 1.14 9.18 -3.40
N GLY A 219 -0.12 9.21 -3.83
CA GLY A 219 -0.49 8.48 -5.02
C GLY A 219 -0.97 7.06 -4.77
N GLY A 220 -1.35 6.75 -3.54
CA GLY A 220 -1.92 5.47 -3.21
C GLY A 220 -2.24 5.38 -1.73
N VAL A 221 -2.36 4.13 -1.29
CA VAL A 221 -2.76 3.75 0.06
C VAL A 221 -1.94 2.52 0.46
N ASP A 222 -1.38 2.51 1.68
CA ASP A 222 -0.60 1.35 2.10
C ASP A 222 -1.51 0.32 2.73
N PRO A 223 -1.74 -0.83 2.07
CA PRO A 223 -2.72 -1.79 2.60
C PRO A 223 -2.26 -2.46 3.90
N ASN A 224 -0.96 -2.38 4.21
CA ASN A 224 -0.44 -2.87 5.48
C ASN A 224 -1.01 -2.16 6.73
N HIS A 225 -1.52 -0.92 6.61
CA HIS A 225 -1.84 -0.11 7.80
C HIS A 225 -3.32 0.11 8.06
N PHE A 226 -4.22 -0.61 7.39
CA PHE A 226 -5.61 -0.58 7.80
C PHE A 226 -6.20 -1.99 7.66
N ARG A 227 -7.36 -2.18 8.28
CA ARG A 227 -8.16 -3.39 8.18
C ARG A 227 -9.61 -3.00 7.87
N GLY A 228 -10.28 -3.89 7.14
CA GLY A 228 -11.64 -3.60 6.72
C GLY A 228 -11.71 -2.50 5.68
N ASN A 229 -12.89 -1.93 5.54
CA ASN A 229 -13.14 -0.90 4.54
C ASN A 229 -12.95 0.51 5.12
N HIS A 230 -12.67 1.46 4.22
CA HIS A 230 -12.80 2.88 4.51
C HIS A 230 -14.25 3.33 4.39
N THR A 231 -14.66 4.28 5.24
CA THR A 231 -15.93 4.96 5.11
C THR A 231 -15.70 6.31 4.45
N TYR A 232 -16.35 6.56 3.31
CA TYR A 232 -16.07 7.72 2.49
C TYR A 232 -17.17 8.76 2.63
N VAL A 233 -16.79 10.01 2.87
CA VAL A 233 -17.74 11.12 2.86
C VAL A 233 -17.24 12.15 1.87
N PRO A 234 -18.11 12.81 1.10
CA PRO A 234 -17.64 13.77 0.10
C PRO A 234 -17.25 15.10 0.72
N VAL A 235 -16.42 15.84 -0.01
CA VAL A 235 -15.93 17.13 0.42
C VAL A 235 -17.03 18.17 0.26
N THR A 236 -17.32 18.92 1.34
CA THR A 236 -18.47 19.82 1.30
C THR A 236 -18.12 21.25 0.87
N ARG A 237 -17.00 21.77 1.36
CA ARG A 237 -16.51 23.08 0.96
C ARG A 237 -15.05 22.90 0.57
N LYS A 238 -14.66 23.46 -0.57
CA LYS A 238 -13.37 23.17 -1.18
C LYS A 238 -12.37 24.30 -0.84
N GLY A 239 -11.52 24.02 0.13
CA GLY A 239 -10.36 24.83 0.46
C GLY A 239 -9.74 24.06 1.59
N TYR A 240 -10.65 23.45 2.31
CA TYR A 240 -10.38 22.66 3.48
C TYR A 240 -10.75 21.22 3.16
N TRP A 241 -10.15 20.29 3.87
CA TRP A 241 -10.59 18.92 3.73
C TRP A 241 -11.79 18.75 4.66
N GLN A 242 -12.95 19.19 4.17
CA GLN A 242 -14.13 19.42 4.99
C GLN A 242 -15.31 18.56 4.50
N PHE A 243 -16.05 18.01 5.45
CA PHE A 243 -17.11 17.06 5.17
C PHE A 243 -18.21 17.25 6.20
N GLU A 244 -19.38 16.68 5.92
CA GLU A 244 -20.50 16.69 6.86
C GLU A 244 -20.35 15.59 7.90
N MET A 245 -20.60 15.96 9.16
CA MET A 245 -20.57 15.05 10.28
C MET A 245 -21.92 15.03 10.98
N GLY A 246 -22.25 13.91 11.59
CA GLY A 246 -23.46 13.76 12.37
C GLY A 246 -23.28 14.10 13.83
N ASP A 247 -24.08 13.46 14.66
CA ASP A 247 -24.12 13.75 16.09
C ASP A 247 -22.93 13.14 16.82
N VAL A 248 -22.46 13.87 17.84
CA VAL A 248 -21.34 13.46 18.70
C VAL A 248 -21.91 12.88 19.98
N LEU A 249 -21.55 11.63 20.28
CA LEU A 249 -22.08 10.90 21.42
C LEU A 249 -21.08 10.91 22.59
N ILE A 250 -21.60 11.21 23.78
CA ILE A 250 -20.84 11.11 25.03
C ILE A 250 -21.42 9.94 25.83
N GLY A 251 -20.62 8.91 26.04
CA GLY A 251 -21.19 7.66 26.50
C GLY A 251 -22.12 7.16 25.43
N ASP A 252 -23.37 6.89 25.79
CA ASP A 252 -24.28 6.26 24.83
C ASP A 252 -25.30 7.19 24.21
N LYS A 253 -25.42 8.44 24.65
CA LYS A 253 -26.46 9.29 24.09
C LYS A 253 -25.89 10.63 23.64
N SER A 254 -26.80 11.47 23.17
CA SER A 254 -26.53 12.55 22.25
C SER A 254 -26.03 13.80 22.97
N SER A 255 -25.11 14.52 22.30
CA SER A 255 -24.78 15.88 22.68
C SER A 255 -25.76 16.90 22.12
N GLY A 256 -26.64 16.49 21.23
CA GLY A 256 -27.69 17.35 20.71
C GLY A 256 -27.19 18.42 19.78
N PHE A 257 -26.03 19.01 20.09
CA PHE A 257 -25.58 20.20 19.37
C PHE A 257 -25.23 19.89 17.91
N CYS A 258 -24.68 18.72 17.62
CA CYS A 258 -24.34 18.35 16.24
C CYS A 258 -25.31 17.37 15.62
N ALA A 259 -26.42 17.06 16.28
CA ALA A 259 -27.38 16.11 15.73
C ALA A 259 -28.05 16.62 14.46
N GLY A 260 -28.07 17.93 14.25
CA GLY A 260 -28.59 18.49 13.02
C GLY A 260 -27.61 18.59 11.86
N GLY A 261 -26.37 18.12 12.05
CA GLY A 261 -25.37 18.17 11.00
C GLY A 261 -24.30 19.22 11.17
N CYS A 262 -23.13 18.82 11.67
CA CYS A 262 -21.99 19.70 11.85
C CYS A 262 -21.06 19.61 10.66
N ALA A 263 -19.99 20.37 10.71
CA ALA A 263 -18.95 20.35 9.70
C ALA A 263 -17.66 19.92 10.38
N ALA A 264 -16.79 19.23 9.62
CA ALA A 264 -15.54 18.80 10.23
C ALA A 264 -14.40 18.73 9.20
N ILE A 265 -13.19 18.86 9.71
CA ILE A 265 -11.98 18.90 8.90
C ILE A 265 -11.00 17.86 9.44
N ALA A 266 -10.45 17.03 8.55
CA ALA A 266 -9.30 16.18 8.89
C ALA A 266 -8.04 17.01 8.72
N ASP A 267 -7.35 17.30 9.83
CA ASP A 267 -6.18 18.18 9.80
C ASP A 267 -4.96 17.44 10.38
N SER A 268 -4.12 16.94 9.48
CA SER A 268 -2.99 16.14 9.93
C SER A 268 -2.01 16.97 10.74
N GLY A 269 -2.09 18.31 10.65
CA GLY A 269 -1.18 19.19 11.36
C GLY A 269 -1.50 19.44 12.83
N THR A 270 -2.69 19.06 13.30
CA THR A 270 -3.14 19.25 14.67
C THR A 270 -3.08 17.92 15.42
N SER A 271 -2.76 17.97 16.71
CA SER A 271 -2.83 16.76 17.50
C SER A 271 -4.23 16.57 18.08
N PHE A 272 -4.77 17.60 18.71
CA PHE A 272 -5.94 17.46 19.56
C PHE A 272 -7.21 17.69 18.76
N PHE A 273 -8.31 17.19 19.31
CA PHE A 273 -9.62 17.54 18.80
C PHE A 273 -9.94 18.98 19.20
N ALA A 274 -10.67 19.67 18.34
CA ALA A 274 -11.24 20.97 18.66
C ALA A 274 -12.66 20.99 18.12
N GLY A 275 -13.59 21.50 18.92
CA GLY A 275 -14.98 21.56 18.55
C GLY A 275 -15.73 22.63 19.33
N PRO A 276 -17.01 22.80 19.03
CA PRO A 276 -17.80 23.87 19.66
C PRO A 276 -17.84 23.74 21.18
N THR A 277 -17.76 24.90 21.85
CA THR A 277 -17.81 24.90 23.31
C THR A 277 -19.04 24.15 23.83
N ALA A 278 -20.17 24.28 23.14
CA ALA A 278 -21.40 23.60 23.59
C ALA A 278 -21.23 22.10 23.72
N ILE A 279 -20.41 21.46 22.88
CA ILE A 279 -20.13 20.04 23.06
C ILE A 279 -18.95 19.83 24.02
N ILE A 280 -17.88 20.59 23.85
CA ILE A 280 -16.70 20.42 24.71
C ILE A 280 -17.08 20.58 26.18
N THR A 281 -18.01 21.49 26.48
CA THR A 281 -18.47 21.68 27.85
C THR A 281 -19.02 20.39 28.44
N GLN A 282 -19.92 19.74 27.70
CA GLN A 282 -20.50 18.49 28.18
C GLN A 282 -19.43 17.42 28.36
N ILE A 283 -18.52 17.29 27.39
CA ILE A 283 -17.43 16.32 27.50
C ILE A 283 -16.64 16.55 28.77
N ASN A 284 -16.30 17.82 29.04
CA ASN A 284 -15.52 18.14 30.22
C ASN A 284 -16.18 17.62 31.48
N GLN A 285 -17.51 17.76 31.57
CA GLN A 285 -18.22 17.29 32.76
C GLN A 285 -18.18 15.77 32.87
N ALA A 286 -18.60 15.07 31.80
CA ALA A 286 -18.67 13.61 31.85
C ALA A 286 -17.30 12.99 32.09
N ILE A 287 -16.22 13.74 31.84
CA ILE A 287 -14.86 13.23 32.01
C ILE A 287 -14.33 13.54 33.41
N GLY A 288 -14.58 14.73 33.92
CA GLY A 288 -14.12 15.11 35.23
C GLY A 288 -13.04 16.17 35.15
N ALA A 289 -13.13 16.98 34.09
CA ALA A 289 -12.13 17.99 33.80
C ALA A 289 -12.28 19.21 34.71
N LYS A 290 -11.23 20.03 34.74
CA LYS A 290 -11.23 21.22 35.59
C LYS A 290 -10.84 22.45 34.77
N GLU A 297 -5.74 27.58 29.46
CA GLU A 297 -4.60 27.01 28.76
C GLU A 297 -4.89 25.57 28.30
N SER A 298 -5.29 24.74 29.25
CA SER A 298 -5.49 23.31 29.04
C SER A 298 -6.64 22.87 29.93
N ILE A 299 -6.77 21.55 30.09
CA ILE A 299 -7.89 20.94 30.80
C ILE A 299 -7.40 19.62 31.37
N VAL A 300 -7.47 19.45 32.70
CA VAL A 300 -6.74 18.38 33.37
C VAL A 300 -7.67 17.43 34.11
N ASP A 301 -7.15 16.22 34.34
CA ASP A 301 -7.66 15.19 35.24
C ASP A 301 -6.52 14.19 35.43
N CYS A 302 -6.85 12.94 35.80
CA CYS A 302 -6.00 11.75 35.62
C CYS A 302 -6.54 10.60 36.44
N ASN A 303 -5.87 9.44 36.39
CA ASN A 303 -6.16 8.28 37.26
C ASN A 303 -7.59 7.77 37.21
N GLY A 304 -8.46 8.40 36.42
CA GLY A 304 -9.83 7.93 36.26
C GLY A 304 -10.12 7.64 34.80
N ILE A 305 -9.05 7.58 34.01
CA ILE A 305 -9.15 7.39 32.57
C ILE A 305 -10.06 6.22 32.24
N SER A 306 -9.81 5.06 32.86
CA SER A 306 -10.55 3.84 32.56
C SER A 306 -12.04 3.98 32.88
N SER A 307 -12.40 4.84 33.84
CA SER A 307 -13.80 5.05 34.18
C SER A 307 -14.52 5.96 33.21
N MET A 308 -13.77 6.74 32.42
CA MET A 308 -14.37 7.70 31.49
C MET A 308 -15.13 6.99 30.37
N PRO A 309 -16.00 7.71 29.68
CA PRO A 309 -16.71 7.13 28.55
C PRO A 309 -15.98 7.33 27.23
N ASN A 310 -16.26 6.43 26.30
CA ASN A 310 -15.81 6.61 24.93
C ASN A 310 -16.59 7.76 24.29
N ILE A 311 -15.93 8.51 23.43
CA ILE A 311 -16.60 9.50 22.59
C ILE A 311 -16.67 8.94 21.18
N ALA A 312 -17.76 9.23 20.49
CA ALA A 312 -17.97 8.69 19.14
C ALA A 312 -18.46 9.77 18.21
N PHE A 313 -17.85 9.86 17.04
CA PHE A 313 -18.32 10.71 15.95
C PHE A 313 -19.11 9.88 14.95
N THR A 314 -20.15 10.46 14.39
CA THR A 314 -20.98 9.79 13.39
C THR A 314 -20.61 10.32 12.01
N ILE A 315 -19.82 9.53 11.29
CA ILE A 315 -19.36 9.89 9.95
C ILE A 315 -19.88 8.82 8.99
N GLY A 316 -20.56 9.25 7.92
CA GLY A 316 -21.13 8.32 6.96
C GLY A 316 -22.10 7.31 7.54
N SER A 317 -22.92 7.73 8.51
CA SER A 317 -23.85 6.83 9.21
C SER A 317 -23.09 5.63 9.80
N LYS A 318 -21.98 5.94 10.48
CA LYS A 318 -21.23 4.95 11.21
C LYS A 318 -20.57 5.63 12.39
N LEU A 319 -20.37 4.87 13.46
CA LEU A 319 -19.84 5.38 14.71
C LEU A 319 -18.35 5.11 14.76
N PHE A 320 -17.57 6.16 14.75
CA PHE A 320 -16.15 6.09 14.96
C PHE A 320 -15.88 6.48 16.42
N GLU A 321 -15.56 5.48 17.23
CA GLU A 321 -15.42 5.63 18.67
C GLU A 321 -13.98 5.93 19.03
N VAL A 322 -13.79 6.85 19.99
CA VAL A 322 -12.47 7.16 20.55
C VAL A 322 -12.55 6.87 22.04
N THR A 323 -11.60 6.10 22.54
CA THR A 323 -11.61 5.71 23.94
C THR A 323 -10.85 6.71 24.79
N PRO A 324 -11.11 6.73 26.11
CA PRO A 324 -10.29 7.58 26.99
C PRO A 324 -8.80 7.43 26.77
N GLU A 325 -8.30 6.21 26.60
CA GLU A 325 -6.88 6.01 26.32
C GLU A 325 -6.40 6.82 25.12
N GLN A 326 -7.26 6.98 24.10
CA GLN A 326 -6.87 7.66 22.88
C GLN A 326 -7.09 9.17 22.89
N TYR A 327 -7.94 9.70 23.77
CA TYR A 327 -8.23 11.13 23.74
C TYR A 327 -7.75 11.87 24.97
N ILE A 328 -7.11 11.18 25.92
CA ILE A 328 -6.39 11.80 27.03
C ILE A 328 -4.91 11.76 26.72
N TYR A 329 -4.25 12.91 26.81
CA TYR A 329 -2.81 12.99 26.62
C TYR A 329 -2.13 12.99 27.98
N LYS A 330 -1.01 12.28 28.08
CA LYS A 330 -0.35 12.07 29.36
C LYS A 330 1.05 12.70 29.33
N VAL A 331 1.18 13.88 29.93
CA VAL A 331 2.44 14.61 29.84
C VAL A 331 3.51 14.09 30.79
N GLY A 332 3.13 13.39 31.86
CA GLY A 332 4.12 12.88 32.80
C GLY A 332 4.54 11.46 32.51
N GLU A 333 4.61 10.62 33.54
CA GLU A 333 5.07 9.24 33.37
C GLU A 333 4.76 8.33 34.56
N GLY A 334 4.68 8.89 35.77
CA GLY A 334 4.56 8.06 36.96
C GLY A 334 3.30 8.29 37.78
N GLU A 335 3.45 8.98 38.91
CA GLU A 335 2.31 9.48 39.66
C GLU A 335 2.35 11.00 39.85
N ALA A 336 3.46 11.64 39.50
CA ALA A 336 3.50 13.08 39.26
C ALA A 336 3.25 13.41 37.79
N ALA A 337 2.61 12.49 37.06
CA ALA A 337 2.21 12.69 35.69
C ALA A 337 1.04 13.67 35.61
N THR A 338 0.85 14.25 34.42
CA THR A 338 -0.26 15.15 34.18
C THR A 338 -1.04 14.62 32.99
N CYS A 339 -2.30 14.27 33.24
CA CYS A 339 -3.22 13.84 32.21
C CYS A 339 -4.04 15.03 31.75
N ILE A 340 -4.08 15.24 30.44
CA ILE A 340 -4.71 16.42 29.85
C ILE A 340 -5.72 15.94 28.81
N SER A 341 -6.85 16.63 28.72
CA SER A 341 -7.88 16.30 27.76
C SER A 341 -7.49 16.78 26.37
N GLY A 342 -7.82 15.96 25.36
CA GLY A 342 -7.55 16.36 23.99
C GLY A 342 -8.66 17.15 23.33
N PHE A 343 -9.80 17.29 24.01
CA PHE A 343 -10.94 18.05 23.49
C PHE A 343 -10.80 19.50 23.90
N THR A 344 -10.36 20.35 22.96
CA THR A 344 -10.22 21.77 23.18
C THR A 344 -11.38 22.50 22.52
N ALA A 345 -11.84 23.59 23.15
CA ALA A 345 -12.96 24.34 22.66
C ALA A 345 -12.50 25.32 21.58
N LEU A 346 -13.28 25.42 20.51
CA LEU A 346 -12.97 26.37 19.45
C LEU A 346 -14.22 26.55 18.61
N ASP A 347 -14.69 27.78 18.51
CA ASP A 347 -15.94 28.10 17.83
C ASP A 347 -15.59 28.83 16.54
N ILE A 348 -15.69 28.12 15.43
CA ILE A 348 -15.54 28.69 14.10
C ILE A 348 -16.79 28.35 13.31
N MET A 349 -17.35 29.34 12.62
CA MET A 349 -18.49 29.09 11.76
C MET A 349 -18.04 28.72 10.36
N SER A 350 -18.96 28.17 9.59
CA SER A 350 -18.80 27.99 8.16
C SER A 350 -20.19 28.03 7.56
N PRO A 351 -20.31 28.22 6.25
CA PRO A 351 -21.65 28.15 5.63
C PRO A 351 -22.31 26.78 5.76
N GLN A 352 -21.56 25.76 6.18
CA GLN A 352 -22.06 24.42 6.42
C GLN A 352 -22.31 24.14 7.90
N GLY A 353 -22.08 25.12 8.77
CA GLY A 353 -22.31 24.94 10.18
C GLY A 353 -21.02 24.95 10.98
N PRO A 354 -21.13 24.98 12.31
CA PRO A 354 -19.92 24.98 13.16
C PRO A 354 -18.98 23.82 12.83
N ILE A 355 -17.69 24.07 13.05
CA ILE A 355 -16.62 23.24 12.47
C ILE A 355 -15.95 22.44 13.57
N TRP A 356 -15.76 21.14 13.32
CA TRP A 356 -14.91 20.33 14.15
C TRP A 356 -13.55 20.16 13.48
N ILE A 357 -12.48 20.20 14.27
CA ILE A 357 -11.16 19.83 13.80
C ILE A 357 -10.82 18.47 14.41
N LEU A 358 -10.59 17.48 13.54
CA LEU A 358 -10.17 16.15 13.94
C LEU A 358 -8.68 16.04 13.63
N GLY A 359 -7.85 16.00 14.64
CA GLY A 359 -6.41 15.98 14.43
C GLY A 359 -5.83 14.57 14.46
N ASP A 360 -4.60 14.47 14.96
CA ASP A 360 -3.85 13.23 14.95
C ASP A 360 -4.43 12.21 15.92
N MET A 361 -5.04 12.66 17.02
CA MET A 361 -5.71 11.73 17.93
C MET A 361 -6.84 10.96 17.24
N PHE A 362 -7.47 11.53 16.22
CA PHE A 362 -8.41 10.76 15.42
C PHE A 362 -7.74 10.02 14.26
N MET A 363 -6.83 10.67 13.55
CA MET A 363 -6.22 10.05 12.39
C MET A 363 -5.22 8.94 12.74
N GLY A 364 -4.80 8.88 14.01
CA GLY A 364 -4.00 7.80 14.51
C GLY A 364 -4.76 6.47 14.50
N PRO A 365 -5.83 6.37 15.29
CA PRO A 365 -6.63 5.14 15.27
C PRO A 365 -7.35 4.92 13.95
N TYR A 366 -7.53 5.94 13.13
CA TYR A 366 -8.31 5.81 11.90
C TYR A 366 -7.46 6.20 10.71
N HIS A 367 -7.02 5.20 9.97
CA HIS A 367 -6.28 5.42 8.75
C HIS A 367 -7.11 6.30 7.82
N THR A 368 -6.49 7.33 7.26
CA THR A 368 -7.21 8.36 6.55
C THR A 368 -6.70 8.52 5.14
N VAL A 369 -7.63 8.46 4.18
CA VAL A 369 -7.36 8.67 2.75
C VAL A 369 -7.96 10.00 2.32
N PHE A 370 -7.17 10.79 1.63
CA PHE A 370 -7.61 12.05 1.07
C PHE A 370 -7.69 11.84 -0.44
N ASP A 371 -8.91 11.69 -0.91
CA ASP A 371 -9.18 11.33 -2.29
C ASP A 371 -9.50 12.62 -3.04
N TYR A 372 -8.48 13.20 -3.67
CA TYR A 372 -8.65 14.43 -4.45
C TYR A 372 -9.42 14.19 -5.73
N GLY A 373 -9.19 13.06 -6.40
CA GLY A 373 -9.83 12.80 -7.68
C GLY A 373 -11.33 12.63 -7.59
N LYS A 374 -11.82 12.13 -6.46
CA LYS A 374 -13.26 12.02 -6.23
C LYS A 374 -13.78 13.03 -5.20
N LEU A 375 -12.93 13.92 -4.68
CA LEU A 375 -13.29 14.90 -3.64
C LEU A 375 -14.02 14.25 -2.46
N ARG A 376 -13.29 13.38 -1.77
CA ARG A 376 -13.87 12.65 -0.65
C ARG A 376 -12.76 12.23 0.31
N VAL A 377 -13.16 11.93 1.54
CA VAL A 377 -12.24 11.54 2.60
C VAL A 377 -12.75 10.24 3.18
N GLY A 378 -11.84 9.32 3.43
CA GLY A 378 -12.19 8.00 3.91
C GLY A 378 -11.39 7.66 5.16
N PHE A 379 -12.06 6.97 6.08
CA PHE A 379 -11.45 6.53 7.33
C PHE A 379 -11.66 5.04 7.50
N ALA A 380 -10.62 4.35 7.96
CA ALA A 380 -10.70 2.91 8.23
C ALA A 380 -9.99 2.62 9.53
N GLU A 381 -10.36 1.53 10.18
CA GLU A 381 -9.64 1.12 11.37
C GLU A 381 -8.15 0.82 11.07
N ALA A 382 -7.24 1.52 11.75
CA ALA A 382 -5.80 1.42 11.48
C ALA A 382 -5.15 0.24 12.21
N VAL A 383 -4.12 -0.32 11.57
CA VAL A 383 -3.34 -1.37 12.18
C VAL A 383 -1.87 -1.04 11.99
N ARG B 45 -13.36 -7.43 14.46
CA ARG B 45 -14.45 -6.51 14.14
C ARG B 45 -14.84 -6.64 12.66
N ASP B 46 -14.73 -7.87 12.16
CA ASP B 46 -14.85 -8.18 10.74
C ASP B 46 -13.75 -7.45 9.95
N SER B 47 -12.53 -7.93 10.14
CA SER B 47 -11.43 -7.17 9.55
C SER B 47 -10.12 -7.95 9.63
N GLY B 48 -9.26 -7.67 8.66
CA GLY B 48 -7.87 -8.08 8.61
C GLY B 48 -7.22 -7.29 7.49
N SER B 49 -5.90 -7.46 7.36
CA SER B 49 -5.15 -6.66 6.41
C SER B 49 -5.27 -7.15 4.98
N GLY B 50 -5.29 -8.47 4.77
CA GLY B 50 -5.19 -8.99 3.44
C GLY B 50 -3.78 -9.14 2.92
N ILE B 51 -2.75 -8.95 3.79
CA ILE B 51 -1.33 -9.10 3.46
C ILE B 51 -0.89 -10.56 3.65
N VAL B 52 -0.08 -11.10 2.74
CA VAL B 52 0.57 -12.40 2.95
C VAL B 52 2.07 -12.21 2.75
N ALA B 53 2.86 -12.55 3.76
CA ALA B 53 4.32 -12.49 3.63
C ALA B 53 4.79 -13.75 2.89
N LEU B 54 5.63 -13.57 1.87
CA LEU B 54 6.07 -14.64 1.00
C LEU B 54 7.54 -14.99 1.28
N THR B 55 7.82 -16.29 1.31
CA THR B 55 9.18 -16.81 1.44
C THR B 55 9.73 -17.19 0.06
N ASN B 56 10.99 -16.87 -0.14
CA ASN B 56 11.67 -17.08 -1.40
C ASN B 56 12.65 -18.22 -1.20
N ASP B 57 12.40 -19.33 -1.89
CA ASP B 57 13.29 -20.48 -1.91
C ASP B 57 14.10 -20.42 -3.21
N ARG B 58 15.38 -20.05 -3.10
CA ARG B 58 16.35 -19.98 -4.21
C ARG B 58 15.79 -19.38 -5.50
N ASP B 59 15.04 -18.28 -5.38
CA ASP B 59 14.45 -17.58 -6.52
C ASP B 59 13.54 -18.47 -7.36
N THR B 60 13.34 -19.73 -6.98
CA THR B 60 12.57 -20.68 -7.76
C THR B 60 11.09 -20.73 -7.39
N ALA B 61 10.75 -20.57 -6.11
CA ALA B 61 9.37 -20.69 -5.68
C ALA B 61 9.11 -19.76 -4.51
N TYR B 62 7.91 -19.21 -4.47
CA TYR B 62 7.52 -18.26 -3.45
C TYR B 62 6.27 -18.81 -2.78
N TYR B 63 6.28 -18.86 -1.47
CA TYR B 63 5.14 -19.44 -0.79
C TYR B 63 4.88 -18.70 0.51
N GLY B 64 3.63 -18.77 0.97
CA GLY B 64 3.22 -18.19 2.22
C GLY B 64 2.22 -19.10 2.92
N GLU B 65 1.83 -18.70 4.12
CA GLU B 65 1.03 -19.55 5.00
C GLU B 65 -0.45 -19.29 4.83
N ILE B 66 -1.24 -20.35 5.01
CA ILE B 66 -2.69 -20.26 5.11
C ILE B 66 -3.11 -21.18 6.24
N GLY B 67 -4.29 -20.91 6.79
CA GLY B 67 -4.92 -21.77 7.78
C GLY B 67 -6.19 -22.38 7.22
N ILE B 68 -6.39 -23.67 7.47
CA ILE B 68 -7.59 -24.39 7.04
C ILE B 68 -8.23 -25.02 8.27
N GLY B 69 -9.55 -24.88 8.38
CA GLY B 69 -10.28 -25.47 9.48
C GLY B 69 -10.27 -24.61 10.73
N THR B 70 -11.13 -24.97 11.67
CA THR B 70 -11.05 -24.43 13.01
C THR B 70 -10.99 -25.58 14.01
N PRO B 71 -9.93 -25.59 14.84
CA PRO B 71 -8.90 -24.55 14.88
C PRO B 71 -7.96 -24.64 13.67
N PRO B 72 -7.37 -23.53 13.28
CA PRO B 72 -6.66 -23.48 12.00
C PRO B 72 -5.52 -24.50 11.96
N GLN B 73 -5.36 -25.10 10.79
CA GLN B 73 -4.27 -26.01 10.46
C GLN B 73 -3.41 -25.34 9.38
N ASN B 74 -2.13 -25.15 9.68
CA ASN B 74 -1.27 -24.29 8.88
C ASN B 74 -0.64 -25.05 7.72
N PHE B 75 -0.57 -24.39 6.55
CA PHE B 75 0.06 -24.95 5.36
C PHE B 75 0.85 -23.87 4.65
N ALA B 76 2.05 -24.22 4.18
CA ALA B 76 2.79 -23.38 3.26
C ALA B 76 2.32 -23.66 1.84
N VAL B 77 2.00 -22.61 1.10
CA VAL B 77 1.27 -22.73 -0.14
C VAL B 77 1.85 -21.73 -1.15
N ILE B 78 2.04 -22.20 -2.39
CA ILE B 78 2.38 -21.31 -3.50
C ILE B 78 1.10 -20.62 -3.97
N PHE B 79 1.15 -19.29 -4.14
CA PHE B 79 0.01 -18.54 -4.68
C PHE B 79 0.22 -18.42 -6.19
N ASP B 80 -0.66 -19.08 -6.96
CA ASP B 80 -0.43 -19.43 -8.37
C ASP B 80 -1.52 -18.84 -9.26
N THR B 81 -1.19 -17.79 -10.01
CA THR B 81 -2.16 -17.22 -10.93
C THR B 81 -2.33 -18.05 -12.18
N GLY B 82 -1.68 -19.22 -12.25
CA GLY B 82 -1.78 -20.10 -13.39
C GLY B 82 -2.81 -21.21 -13.21
N SER B 83 -3.20 -21.47 -11.96
CA SER B 83 -4.20 -22.51 -11.66
C SER B 83 -5.28 -21.90 -10.77
N SER B 84 -6.36 -22.65 -10.56
CA SER B 84 -7.52 -22.13 -9.88
C SER B 84 -7.97 -22.92 -8.66
N ASP B 85 -7.39 -24.09 -8.39
CA ASP B 85 -7.79 -24.82 -7.20
C ASP B 85 -6.87 -24.51 -6.02
N LEU B 86 -7.40 -24.70 -4.82
CA LEU B 86 -6.59 -24.82 -3.62
C LEU B 86 -6.42 -26.31 -3.31
N TRP B 87 -5.18 -26.75 -3.07
CA TRP B 87 -4.99 -28.13 -2.64
C TRP B 87 -3.86 -28.24 -1.62
N VAL B 88 -4.04 -29.17 -0.68
CA VAL B 88 -3.07 -29.48 0.37
C VAL B 88 -3.07 -30.99 0.62
N PRO B 89 -1.99 -31.51 1.20
CA PRO B 89 -1.94 -32.94 1.48
C PRO B 89 -3.02 -33.34 2.48
N SER B 90 -3.55 -34.56 2.30
CA SER B 90 -4.58 -35.09 3.17
C SER B 90 -4.03 -36.21 4.05
N THR B 91 -4.62 -36.38 5.24
CA THR B 91 -4.29 -37.55 6.06
C THR B 91 -4.66 -38.85 5.36
N LYS B 92 -5.49 -38.80 4.33
CA LYS B 92 -5.87 -39.99 3.60
C LYS B 92 -4.88 -40.34 2.50
N CYS B 93 -3.69 -39.73 2.48
CA CYS B 93 -2.63 -40.03 1.51
C CYS B 93 -1.50 -40.75 2.24
N ASP B 94 -1.44 -42.08 2.11
CA ASP B 94 -0.41 -42.88 2.76
C ASP B 94 0.54 -43.57 1.79
N THR B 95 0.32 -43.45 0.48
CA THR B 95 1.17 -44.12 -0.50
C THR B 95 2.14 -43.18 -1.21
N SER B 96 2.04 -41.87 -1.01
CA SER B 96 2.92 -40.90 -1.65
C SER B 96 3.86 -40.33 -0.60
N LEU B 97 5.15 -40.31 -0.92
CA LEU B 97 6.15 -39.85 0.03
C LEU B 97 5.95 -38.38 0.38
N ALA B 98 5.55 -37.57 -0.59
CA ALA B 98 5.39 -36.14 -0.33
C ALA B 98 4.35 -35.89 0.75
N CYS B 99 3.20 -36.57 0.67
CA CYS B 99 2.18 -36.42 1.71
C CYS B 99 2.68 -36.89 3.06
N VAL B 100 3.57 -37.87 3.08
CA VAL B 100 4.00 -38.39 4.36
C VAL B 100 4.93 -37.41 5.06
N ILE B 101 5.75 -36.68 4.27
CA ILE B 101 6.76 -35.79 4.82
C ILE B 101 6.28 -34.36 5.01
N HIS B 102 5.14 -33.99 4.43
CA HIS B 102 4.56 -32.65 4.53
C HIS B 102 3.37 -32.67 5.48
N PRO B 103 3.03 -31.53 6.10
CA PRO B 103 1.82 -31.48 6.94
C PRO B 103 0.58 -31.76 6.12
N ARG B 104 -0.40 -32.42 6.74
CA ARG B 104 -1.58 -32.94 6.07
C ARG B 104 -2.86 -32.45 6.76
N TYR B 105 -3.87 -32.14 5.95
CA TYR B 105 -5.17 -31.74 6.50
C TYR B 105 -5.89 -32.94 7.08
N ASP B 106 -6.46 -32.77 8.27
CA ASP B 106 -7.19 -33.83 8.97
C ASP B 106 -8.60 -33.31 9.25
N SER B 107 -9.59 -33.83 8.50
CA SER B 107 -10.94 -33.25 8.59
C SER B 107 -11.57 -33.48 9.97
N GLY B 108 -11.28 -34.61 10.60
CA GLY B 108 -11.84 -34.86 11.92
C GLY B 108 -11.51 -33.82 12.96
N ASP B 109 -10.44 -33.05 12.76
CA ASP B 109 -10.04 -32.06 13.74
C ASP B 109 -10.62 -30.69 13.44
N SER B 110 -11.35 -30.54 12.34
CA SER B 110 -12.00 -29.29 12.01
C SER B 110 -13.48 -29.43 12.30
N SER B 111 -14.00 -28.53 13.13
CA SER B 111 -15.43 -28.47 13.40
C SER B 111 -16.21 -27.80 12.28
N THR B 112 -15.58 -26.96 11.47
CA THR B 112 -16.23 -26.35 10.32
C THR B 112 -16.12 -27.18 9.05
N TYR B 113 -15.60 -28.41 9.15
CA TYR B 113 -15.44 -29.27 7.98
C TYR B 113 -16.79 -29.82 7.54
N LYS B 114 -17.03 -29.80 6.24
CA LYS B 114 -18.25 -30.32 5.65
C LYS B 114 -17.85 -31.15 4.44
N GLY B 115 -18.05 -32.47 4.54
CA GLY B 115 -17.57 -33.36 3.49
C GLY B 115 -18.21 -33.11 2.14
N ASN B 116 -17.45 -33.42 1.09
CA ASN B 116 -17.93 -33.37 -0.28
C ASN B 116 -17.67 -34.70 -1.01
N GLY B 117 -16.42 -34.98 -1.35
CA GLY B 117 -16.04 -36.27 -1.89
C GLY B 117 -15.92 -36.39 -3.40
N THR B 118 -16.14 -35.32 -4.16
CA THR B 118 -15.96 -35.36 -5.60
C THR B 118 -14.48 -35.57 -5.92
N THR B 119 -14.16 -36.65 -6.63
CA THR B 119 -12.75 -36.91 -6.92
C THR B 119 -12.25 -36.00 -8.04
N ALA B 120 -10.93 -35.81 -8.07
CA ALA B 120 -10.33 -34.89 -9.03
C ALA B 120 -8.89 -35.31 -9.30
N SER B 121 -8.37 -34.85 -10.44
CA SER B 121 -7.03 -35.21 -10.89
C SER B 121 -6.41 -34.04 -11.64
N ILE B 122 -5.17 -33.69 -11.29
CA ILE B 122 -4.48 -32.54 -11.86
C ILE B 122 -3.09 -32.98 -12.29
N GLN B 123 -2.75 -32.73 -13.55
CA GLN B 123 -1.45 -33.12 -14.09
C GLN B 123 -0.36 -32.12 -13.68
N TYR B 124 0.76 -32.65 -13.16
CA TYR B 124 1.94 -31.86 -12.82
C TYR B 124 3.18 -32.50 -13.43
N GLY B 125 3.65 -31.97 -14.56
CA GLY B 125 4.83 -32.51 -15.20
C GLY B 125 4.70 -33.92 -15.70
N THR B 126 5.55 -34.81 -15.18
CA THR B 126 5.53 -36.22 -15.55
C THR B 126 4.36 -36.94 -14.89
N GLY B 127 4.12 -36.66 -13.63
CA GLY B 127 3.08 -37.28 -12.84
C GLY B 127 1.82 -36.44 -12.81
N ALA B 128 1.18 -36.42 -11.64
CA ALA B 128 -0.09 -35.77 -11.40
C ALA B 128 -0.27 -35.63 -9.90
N ILE B 129 -1.31 -34.90 -9.52
CA ILE B 129 -1.80 -34.95 -8.15
C ILE B 129 -3.25 -35.42 -8.24
N VAL B 130 -3.67 -36.17 -7.23
CA VAL B 130 -4.99 -36.79 -7.23
C VAL B 130 -5.59 -36.60 -5.85
N GLY B 131 -6.91 -36.36 -5.80
CA GLY B 131 -7.59 -36.24 -4.52
C GLY B 131 -9.06 -36.02 -4.69
N PHE B 132 -9.68 -35.51 -3.61
CA PHE B 132 -11.11 -35.27 -3.57
C PHE B 132 -11.40 -33.91 -2.93
N TYR B 133 -12.57 -33.36 -3.24
CA TYR B 133 -12.95 -32.05 -2.77
C TYR B 133 -13.49 -32.09 -1.34
N SER B 134 -13.17 -31.03 -0.58
CA SER B 134 -13.79 -30.78 0.71
C SER B 134 -14.13 -29.30 0.83
N GLN B 135 -14.86 -28.99 1.88
CA GLN B 135 -15.19 -27.62 2.21
C GLN B 135 -14.78 -27.37 3.65
N ASP B 136 -14.20 -26.19 3.88
CA ASP B 136 -13.85 -25.70 5.21
C ASP B 136 -13.58 -24.20 5.10
N SER B 137 -13.24 -23.58 6.23
CA SER B 137 -12.88 -22.18 6.27
C SER B 137 -11.40 -22.05 6.01
N VAL B 138 -11.03 -21.05 5.22
CA VAL B 138 -9.63 -20.83 4.89
C VAL B 138 -9.28 -19.39 5.24
N GLU B 139 -8.19 -19.21 5.99
CA GLU B 139 -7.70 -17.88 6.39
C GLU B 139 -6.46 -17.56 5.60
N VAL B 140 -6.57 -16.58 4.70
CA VAL B 140 -5.45 -16.08 3.92
C VAL B 140 -5.35 -14.58 4.17
N GLY B 141 -4.16 -14.09 4.53
CA GLY B 141 -3.95 -12.68 4.85
C GLY B 141 -4.80 -12.16 6.00
N ASP B 142 -5.12 -13.00 6.97
CA ASP B 142 -6.05 -12.68 8.06
C ASP B 142 -7.44 -12.36 7.57
N LEU B 143 -7.78 -12.84 6.37
CA LEU B 143 -9.15 -12.90 5.88
C LEU B 143 -9.64 -14.34 6.04
N VAL B 144 -10.72 -14.53 6.80
CA VAL B 144 -11.30 -15.85 7.01
C VAL B 144 -12.34 -16.07 5.91
N VAL B 145 -11.99 -16.90 4.93
CA VAL B 145 -12.86 -17.16 3.78
C VAL B 145 -13.73 -18.37 4.10
N GLU B 146 -15.03 -18.15 4.27
CA GLU B 146 -15.90 -19.24 4.71
C GLU B 146 -16.22 -20.20 3.55
N HIS B 147 -16.60 -21.42 3.93
CA HIS B 147 -16.97 -22.51 3.04
C HIS B 147 -16.19 -22.56 1.73
N GLN B 148 -14.89 -22.81 1.80
CA GLN B 148 -14.08 -22.83 0.59
C GLN B 148 -13.94 -24.28 0.16
N ASP B 149 -14.24 -24.54 -1.10
CA ASP B 149 -13.99 -25.86 -1.66
C ASP B 149 -12.52 -25.97 -2.01
N PHE B 150 -11.92 -27.10 -1.64
CA PHE B 150 -10.53 -27.35 -1.94
C PHE B 150 -10.31 -28.85 -2.05
N ILE B 151 -9.16 -29.23 -2.58
CA ILE B 151 -8.81 -30.63 -2.81
C ILE B 151 -7.89 -31.09 -1.68
N GLU B 152 -8.27 -32.19 -1.04
CA GLU B 152 -7.40 -33.01 -0.19
C GLU B 152 -6.72 -34.04 -1.09
N THR B 153 -5.38 -34.04 -1.16
CA THR B 153 -4.69 -34.90 -2.12
C THR B 153 -4.49 -36.31 -1.56
N THR B 154 -4.75 -37.30 -2.42
CA THR B 154 -4.49 -38.70 -2.13
C THR B 154 -3.17 -39.18 -2.70
N GLU B 155 -2.69 -38.57 -3.79
CA GLU B 155 -1.42 -38.93 -4.41
C GLU B 155 -0.77 -37.69 -4.96
N GLU B 156 0.57 -37.63 -4.86
CA GLU B 156 1.36 -36.49 -5.32
C GLU B 156 2.60 -36.99 -6.05
N ASP B 157 2.92 -36.36 -7.18
CA ASP B 157 4.09 -36.74 -7.97
C ASP B 157 5.35 -36.45 -7.18
N ASP B 158 6.08 -37.51 -6.81
CA ASP B 158 7.21 -37.34 -5.90
C ASP B 158 8.39 -36.60 -6.53
N THR B 159 8.49 -36.55 -7.86
CA THR B 159 9.62 -35.84 -8.47
C THR B 159 9.52 -34.33 -8.32
N VAL B 160 8.31 -33.79 -8.37
CA VAL B 160 8.15 -32.35 -8.22
C VAL B 160 7.96 -31.95 -6.75
N PHE B 161 7.35 -32.82 -5.94
CA PHE B 161 6.87 -32.41 -4.63
C PHE B 161 7.63 -33.02 -3.44
N LEU B 162 8.64 -33.87 -3.66
CA LEU B 162 9.29 -34.51 -2.52
C LEU B 162 10.14 -33.52 -1.74
N LYS B 163 11.01 -32.78 -2.42
CA LYS B 163 11.93 -31.86 -1.74
C LYS B 163 11.41 -30.42 -1.65
N SER B 164 10.13 -30.19 -1.95
CA SER B 164 9.55 -28.84 -1.90
C SER B 164 9.50 -28.27 -0.49
N GLU B 165 9.76 -26.96 -0.37
CA GLU B 165 9.52 -26.26 0.89
C GLU B 165 8.03 -26.00 1.11
N PHE B 166 7.26 -25.81 0.04
CA PHE B 166 5.83 -25.61 0.14
C PHE B 166 5.12 -26.97 0.23
N ASP B 167 3.92 -26.94 0.79
CA ASP B 167 3.07 -28.11 0.96
C ASP B 167 1.94 -28.20 -0.07
N GLY B 168 1.44 -27.06 -0.55
CA GLY B 168 0.31 -27.05 -1.45
C GLY B 168 0.37 -25.89 -2.41
N ILE B 169 -0.72 -25.65 -3.15
CA ILE B 169 -0.86 -24.55 -4.08
C ILE B 169 -2.23 -23.92 -3.88
N LEU B 170 -2.28 -22.58 -3.84
CA LEU B 170 -3.54 -21.83 -3.79
C LEU B 170 -3.71 -21.14 -5.13
N GLY B 171 -4.62 -21.67 -5.94
CA GLY B 171 -4.79 -21.17 -7.29
C GLY B 171 -5.56 -19.86 -7.29
N LEU B 172 -5.02 -18.88 -8.03
CA LEU B 172 -5.60 -17.55 -8.15
C LEU B 172 -6.16 -17.26 -9.55
N GLY B 173 -6.27 -18.29 -10.42
CA GLY B 173 -6.88 -18.13 -11.71
C GLY B 173 -8.41 -18.19 -11.66
N PHE B 174 -9.01 -18.16 -12.85
CA PHE B 174 -10.45 -18.08 -13.02
C PHE B 174 -11.09 -19.47 -12.85
N GLN B 175 -12.42 -19.47 -12.72
CA GLN B 175 -13.15 -20.65 -12.28
C GLN B 175 -13.20 -21.74 -13.36
N GLU B 176 -13.19 -21.34 -14.63
CA GLU B 176 -13.31 -22.25 -15.76
C GLU B 176 -12.24 -23.33 -15.74
N ILE B 177 -11.04 -23.02 -15.26
CA ILE B 177 -9.94 -24.00 -15.27
C ILE B 177 -9.74 -24.65 -13.89
N SER B 178 -10.77 -24.64 -13.03
CA SER B 178 -10.73 -25.48 -11.83
C SER B 178 -11.19 -26.90 -12.18
N ALA B 179 -10.48 -27.88 -11.63
CA ALA B 179 -10.75 -29.29 -11.95
C ALA B 179 -12.25 -29.60 -11.89
N GLY B 180 -12.86 -29.43 -10.72
CA GLY B 180 -14.30 -29.57 -10.58
C GLY B 180 -15.07 -28.26 -10.72
N LYS B 181 -14.48 -27.25 -11.35
CA LYS B 181 -15.09 -25.93 -11.45
C LYS B 181 -15.48 -25.36 -10.08
N ALA B 182 -14.63 -25.60 -9.07
CA ALA B 182 -14.89 -25.06 -7.75
C ALA B 182 -14.74 -23.53 -7.75
N VAL B 183 -15.52 -22.87 -6.89
CA VAL B 183 -15.40 -21.42 -6.74
C VAL B 183 -14.05 -21.11 -6.13
N PRO B 184 -13.18 -20.38 -6.83
CA PRO B 184 -11.82 -20.13 -6.33
C PRO B 184 -11.81 -19.24 -5.08
N VAL B 185 -10.69 -19.29 -4.34
CA VAL B 185 -10.56 -18.55 -3.08
C VAL B 185 -10.88 -17.07 -3.26
N TRP B 186 -10.26 -16.45 -4.26
CA TRP B 186 -10.43 -15.02 -4.52
C TRP B 186 -11.87 -14.65 -4.83
N TYR B 187 -12.60 -15.52 -5.55
CA TYR B 187 -14.00 -15.22 -5.82
C TYR B 187 -14.81 -15.20 -4.54
N ASN B 188 -14.55 -16.15 -3.65
CA ASN B 188 -15.26 -16.14 -2.39
C ASN B 188 -14.91 -14.90 -1.59
N MET B 189 -13.63 -14.49 -1.62
CA MET B 189 -13.15 -13.27 -0.99
C MET B 189 -13.97 -12.06 -1.43
N VAL B 190 -14.02 -11.85 -2.74
CA VAL B 190 -14.83 -10.78 -3.31
C VAL B 190 -16.29 -10.93 -2.89
N ASN B 191 -16.80 -12.16 -2.93
CA ASN B 191 -18.22 -12.39 -2.69
C ASN B 191 -18.58 -12.18 -1.22
N GLN B 192 -17.65 -12.46 -0.31
CA GLN B 192 -17.90 -12.28 1.11
C GLN B 192 -17.55 -10.86 1.58
N GLY B 193 -17.14 -10.00 0.65
CA GLY B 193 -16.86 -8.61 0.98
C GLY B 193 -15.65 -8.39 1.84
N LEU B 194 -14.62 -9.23 1.68
CA LEU B 194 -13.43 -9.20 2.52
C LEU B 194 -12.32 -8.30 2.00
N VAL B 195 -12.53 -7.56 0.91
CA VAL B 195 -11.48 -6.77 0.28
C VAL B 195 -12.09 -5.46 -0.17
N GLU B 196 -11.30 -4.37 -0.09
CA GLU B 196 -11.85 -3.06 -0.41
C GLU B 196 -11.83 -2.78 -1.90
N GLU B 197 -10.84 -3.34 -2.58
CA GLU B 197 -10.66 -3.24 -4.02
C GLU B 197 -10.64 -4.64 -4.62
N ALA B 198 -11.18 -4.74 -5.82
CA ALA B 198 -11.23 -6.02 -6.52
C ALA B 198 -9.92 -6.29 -7.28
N VAL B 199 -8.78 -6.15 -6.60
CA VAL B 199 -7.48 -6.48 -7.19
C VAL B 199 -6.64 -7.21 -6.16
N PHE B 200 -5.63 -7.92 -6.65
CA PHE B 200 -4.57 -8.48 -5.82
C PHE B 200 -3.27 -8.25 -6.57
N SER B 201 -2.15 -8.23 -5.86
CA SER B 201 -0.88 -7.89 -6.51
C SER B 201 0.31 -8.52 -5.79
N PHE B 202 1.44 -8.63 -6.51
CA PHE B 202 2.63 -9.37 -6.08
C PHE B 202 3.87 -8.48 -6.03
N TRP B 203 4.65 -8.60 -4.96
CA TRP B 203 6.04 -8.17 -4.99
C TRP B 203 6.89 -9.40 -4.69
N LEU B 204 7.78 -9.77 -5.62
CA LEU B 204 8.68 -10.91 -5.42
C LEU B 204 10.11 -10.38 -5.31
N ASN B 205 10.72 -10.61 -4.16
CA ASN B 205 12.10 -10.17 -3.96
C ASN B 205 13.03 -11.08 -4.75
N ARG B 206 13.85 -10.50 -5.62
CA ARG B 206 14.74 -11.30 -6.42
C ARG B 206 16.11 -11.51 -5.78
N ASN B 207 16.42 -10.72 -4.75
CA ASN B 207 17.70 -10.83 -4.05
C ASN B 207 17.52 -11.89 -2.98
N VAL B 208 18.07 -13.08 -3.22
CA VAL B 208 17.84 -14.20 -2.31
C VAL B 208 18.60 -14.06 -1.00
N ASP B 209 19.57 -13.14 -0.94
CA ASP B 209 20.33 -12.92 0.28
C ASP B 209 19.53 -12.17 1.35
N GLU B 210 18.51 -11.41 0.97
CA GLU B 210 17.74 -10.61 1.92
C GLU B 210 16.70 -11.48 2.64
N GLU B 211 16.11 -10.92 3.70
CA GLU B 211 15.23 -11.73 4.55
C GLU B 211 13.78 -11.69 4.11
N GLU B 212 13.32 -10.61 3.50
CA GLU B 212 11.97 -10.58 2.94
C GLU B 212 11.95 -11.28 1.58
N GLY B 213 11.21 -12.39 1.48
CA GLY B 213 11.08 -13.10 0.21
C GLY B 213 10.13 -12.44 -0.76
N GLY B 214 9.10 -11.77 -0.24
CA GLY B 214 8.13 -11.10 -1.09
C GLY B 214 6.85 -10.82 -0.32
N GLU B 215 5.88 -10.27 -1.05
CA GLU B 215 4.63 -9.87 -0.40
C GLU B 215 3.48 -9.89 -1.39
N LEU B 216 2.38 -10.53 -0.99
CA LEU B 216 1.16 -10.59 -1.77
C LEU B 216 0.06 -9.83 -1.05
N VAL B 217 -0.64 -8.97 -1.76
CA VAL B 217 -1.65 -8.11 -1.19
C VAL B 217 -2.98 -8.51 -1.80
N PHE B 218 -3.93 -8.94 -0.96
CA PHE B 218 -5.31 -9.17 -1.36
C PHE B 218 -6.11 -7.88 -1.13
N GLY B 219 -6.64 -7.31 -2.21
CA GLY B 219 -7.51 -6.17 -2.09
C GLY B 219 -6.84 -4.82 -2.23
N GLY B 220 -5.62 -4.79 -2.75
CA GLY B 220 -4.99 -3.52 -3.01
C GLY B 220 -3.61 -3.70 -3.62
N VAL B 221 -2.81 -2.65 -3.49
CA VAL B 221 -1.48 -2.51 -4.07
C VAL B 221 -0.59 -1.84 -3.02
N ASP B 222 0.60 -2.41 -2.77
CA ASP B 222 1.53 -1.82 -1.82
C ASP B 222 2.37 -0.79 -2.54
N PRO B 223 2.21 0.51 -2.27
CA PRO B 223 2.92 1.51 -3.06
C PRO B 223 4.41 1.50 -2.79
N ASN B 224 4.84 0.89 -1.69
CA ASN B 224 6.26 0.75 -1.38
C ASN B 224 7.06 -0.04 -2.41
N HIS B 225 6.42 -0.91 -3.22
CA HIS B 225 7.15 -1.88 -4.02
C HIS B 225 7.14 -1.61 -5.51
N PHE B 226 6.67 -0.45 -5.96
CA PHE B 226 6.85 -0.06 -7.35
C PHE B 226 7.15 1.44 -7.41
N ARG B 227 7.62 1.86 -8.58
CA ARG B 227 7.84 3.27 -8.87
C ARG B 227 7.23 3.54 -10.24
N GLY B 228 6.73 4.76 -10.43
CA GLY B 228 6.08 5.07 -11.67
C GLY B 228 4.72 4.41 -11.79
N ASN B 229 4.22 4.35 -13.03
CA ASN B 229 2.90 3.83 -13.34
C ASN B 229 2.93 2.36 -13.74
N HIS B 230 1.80 1.69 -13.52
CA HIS B 230 1.53 0.39 -14.09
C HIS B 230 1.05 0.56 -15.53
N THR B 231 1.49 -0.34 -16.41
CA THR B 231 0.93 -0.44 -17.76
C THR B 231 -0.10 -1.56 -17.74
N TYR B 232 -1.35 -1.23 -18.10
CA TYR B 232 -2.47 -2.13 -17.97
C TYR B 232 -2.86 -2.68 -19.34
N VAL B 233 -3.04 -3.99 -19.43
CA VAL B 233 -3.57 -4.63 -20.64
C VAL B 233 -4.81 -5.42 -20.25
N PRO B 234 -5.84 -5.46 -21.08
CA PRO B 234 -7.07 -6.18 -20.70
C PRO B 234 -6.90 -7.69 -20.83
N VAL B 235 -7.70 -8.42 -20.07
CA VAL B 235 -7.73 -9.88 -20.11
C VAL B 235 -8.44 -10.33 -21.38
N THR B 236 -7.79 -11.20 -22.16
CA THR B 236 -8.30 -11.60 -23.48
C THR B 236 -9.15 -12.85 -23.44
N ARG B 237 -8.73 -13.86 -22.67
CA ARG B 237 -9.48 -15.09 -22.50
C ARG B 237 -9.59 -15.36 -21.01
N LYS B 238 -10.81 -15.66 -20.54
CA LYS B 238 -11.08 -15.70 -19.11
C LYS B 238 -11.07 -17.15 -18.63
N GLY B 239 -9.95 -17.55 -18.06
CA GLY B 239 -9.79 -18.78 -17.32
C GLY B 239 -8.37 -18.62 -16.79
N TYR B 240 -7.66 -17.91 -17.63
CA TYR B 240 -6.25 -17.62 -17.44
C TYR B 240 -6.13 -16.12 -17.29
N TRP B 241 -5.08 -15.69 -16.61
CA TRP B 241 -4.77 -14.28 -16.60
C TRP B 241 -3.96 -14.04 -17.87
N GLN B 242 -4.68 -13.88 -18.96
CA GLN B 242 -4.15 -13.95 -20.32
C GLN B 242 -4.44 -12.65 -21.04
N PHE B 243 -3.46 -12.16 -21.80
CA PHE B 243 -3.55 -10.84 -22.40
C PHE B 243 -2.78 -10.88 -23.71
N GLU B 244 -2.99 -9.86 -24.53
CA GLU B 244 -2.26 -9.76 -25.78
C GLU B 244 -0.88 -9.14 -25.59
N MET B 245 0.11 -9.76 -26.24
CA MET B 245 1.49 -9.31 -26.23
C MET B 245 1.95 -8.93 -27.64
N GLY B 246 2.89 -8.01 -27.72
CA GLY B 246 3.51 -7.62 -28.99
C GLY B 246 4.72 -8.45 -29.32
N ASP B 247 5.62 -7.87 -30.11
CA ASP B 247 6.79 -8.59 -30.60
C ASP B 247 7.85 -8.74 -29.52
N VAL B 248 8.56 -9.87 -29.55
CA VAL B 248 9.63 -10.17 -28.60
C VAL B 248 10.96 -9.83 -29.26
N LEU B 249 11.72 -8.91 -28.64
CA LEU B 249 12.95 -8.36 -29.20
C LEU B 249 14.16 -9.00 -28.56
N ILE B 250 15.13 -9.40 -29.38
CA ILE B 250 16.43 -9.90 -28.94
C ILE B 250 17.49 -8.87 -29.29
N GLY B 251 18.06 -8.24 -28.27
CA GLY B 251 18.86 -7.06 -28.54
C GLY B 251 17.92 -6.08 -29.20
N ASP B 252 18.30 -5.60 -30.38
CA ASP B 252 17.47 -4.61 -31.06
C ASP B 252 16.67 -5.19 -32.22
N LYS B 253 16.75 -6.50 -32.48
CA LYS B 253 16.18 -7.08 -33.68
C LYS B 253 14.96 -7.95 -33.37
N SER B 254 14.03 -7.99 -34.33
CA SER B 254 12.75 -8.65 -34.13
C SER B 254 12.88 -10.17 -34.16
N SER B 255 12.07 -10.83 -33.34
CA SER B 255 11.86 -12.27 -33.46
C SER B 255 10.81 -12.62 -34.51
N GLY B 256 10.06 -11.64 -35.00
CA GLY B 256 9.11 -11.83 -36.09
C GLY B 256 7.88 -12.64 -35.73
N PHE B 257 8.07 -13.71 -34.94
CA PHE B 257 7.01 -14.68 -34.72
C PHE B 257 5.83 -14.08 -33.95
N CYS B 258 6.11 -13.15 -33.03
CA CYS B 258 5.05 -12.52 -32.23
C CYS B 258 4.68 -11.15 -32.77
N ALA B 259 5.17 -10.78 -33.95
CA ALA B 259 4.84 -9.47 -34.50
C ALA B 259 3.37 -9.33 -34.85
N GLY B 260 2.66 -10.44 -35.09
CA GLY B 260 1.24 -10.41 -35.33
C GLY B 260 0.36 -10.45 -34.09
N GLY B 261 0.96 -10.48 -32.90
CA GLY B 261 0.18 -10.52 -31.68
C GLY B 261 0.17 -11.89 -31.02
N CYS B 262 0.99 -12.07 -29.98
CA CYS B 262 1.04 -13.31 -29.24
C CYS B 262 0.09 -13.25 -28.04
N ALA B 263 0.02 -14.33 -27.30
CA ALA B 263 -0.74 -14.37 -26.08
C ALA B 263 0.25 -14.63 -24.95
N ALA B 264 -0.07 -14.09 -23.78
CA ALA B 264 0.80 -14.22 -22.63
C ALA B 264 -0.03 -14.29 -21.36
N ILE B 265 0.52 -14.98 -20.39
CA ILE B 265 -0.14 -15.24 -19.13
C ILE B 265 0.85 -14.88 -18.02
N ALA B 266 0.41 -14.07 -17.07
CA ALA B 266 1.20 -13.85 -15.86
C ALA B 266 0.93 -15.03 -14.94
N ASP B 267 1.94 -15.87 -14.74
CA ASP B 267 1.76 -17.08 -13.96
C ASP B 267 2.77 -17.04 -12.81
N SER B 268 2.30 -16.62 -11.63
CA SER B 268 3.20 -16.46 -10.49
C SER B 268 3.74 -17.80 -10.01
N GLY B 269 3.09 -18.91 -10.41
CA GLY B 269 3.52 -20.22 -9.98
C GLY B 269 4.73 -20.79 -10.69
N THR B 270 5.14 -20.16 -11.79
CA THR B 270 6.28 -20.56 -12.62
C THR B 270 7.46 -19.64 -12.34
N SER B 271 8.67 -20.19 -12.41
CA SER B 271 9.85 -19.36 -12.30
C SER B 271 10.31 -18.85 -13.66
N PHE B 272 10.43 -19.74 -14.63
CA PHE B 272 11.13 -19.43 -15.87
C PHE B 272 10.18 -18.95 -16.95
N PHE B 273 10.75 -18.29 -17.95
CA PHE B 273 9.96 -17.97 -19.12
C PHE B 273 9.70 -19.25 -19.89
N ALA B 274 8.52 -19.33 -20.50
CA ALA B 274 8.17 -20.41 -21.41
C ALA B 274 7.51 -19.76 -22.61
N GLY B 275 7.89 -20.19 -23.81
CA GLY B 275 7.37 -19.61 -25.03
C GLY B 275 7.54 -20.50 -26.25
N PRO B 276 7.04 -20.02 -27.40
CA PRO B 276 7.11 -20.83 -28.62
C PRO B 276 8.54 -21.20 -28.98
N THR B 277 8.71 -22.46 -29.39
CA THR B 277 10.02 -22.93 -29.83
C THR B 277 10.63 -22.03 -30.90
N ALA B 278 9.81 -21.55 -31.84
CA ALA B 278 10.31 -20.71 -32.92
C ALA B 278 11.06 -19.48 -32.40
N ILE B 279 10.64 -18.92 -31.28
CA ILE B 279 11.34 -17.79 -30.68
C ILE B 279 12.47 -18.26 -29.75
N ILE B 280 12.21 -19.28 -28.93
CA ILE B 280 13.21 -19.76 -27.99
C ILE B 280 14.48 -20.16 -28.72
N THR B 281 14.34 -20.76 -29.91
CA THR B 281 15.52 -21.10 -30.72
C THR B 281 16.36 -19.88 -31.03
N GLN B 282 15.73 -18.82 -31.55
CA GLN B 282 16.48 -17.61 -31.87
C GLN B 282 17.18 -17.07 -30.64
N ILE B 283 16.47 -17.01 -29.51
CA ILE B 283 17.07 -16.55 -28.26
C ILE B 283 18.25 -17.43 -27.89
N ASN B 284 18.07 -18.75 -28.01
CA ASN B 284 19.15 -19.69 -27.68
C ASN B 284 20.42 -19.37 -28.46
N GLN B 285 20.30 -19.02 -29.73
CA GLN B 285 21.48 -18.79 -30.55
C GLN B 285 22.25 -17.59 -30.05
N ALA B 286 21.56 -16.47 -29.86
CA ALA B 286 22.16 -15.22 -29.42
C ALA B 286 22.82 -15.28 -28.05
N ILE B 287 22.55 -16.31 -27.23
CA ILE B 287 23.07 -16.27 -25.85
C ILE B 287 24.47 -16.85 -25.55
N GLY B 288 24.87 -18.02 -26.04
CA GLY B 288 24.05 -19.01 -26.69
C GLY B 288 24.27 -20.38 -26.09
N ALA B 289 23.25 -21.24 -26.13
CA ALA B 289 23.31 -22.57 -25.54
C ALA B 289 24.10 -23.53 -26.42
N LYS B 290 24.48 -24.66 -25.82
CA LYS B 290 25.19 -25.72 -26.53
C LYS B 290 24.50 -27.07 -26.30
N SER B 298 17.11 -28.85 -19.94
CA SER B 298 17.71 -27.55 -19.64
C SER B 298 18.49 -27.00 -20.83
N ILE B 299 19.21 -25.91 -20.58
CA ILE B 299 19.97 -25.16 -21.57
C ILE B 299 21.04 -24.32 -20.86
N VAL B 300 22.32 -24.54 -21.17
CA VAL B 300 23.40 -24.03 -20.33
C VAL B 300 24.31 -23.07 -21.09
N ASP B 301 25.03 -22.26 -20.31
CA ASP B 301 26.14 -21.37 -20.74
C ASP B 301 26.91 -20.98 -19.47
N CYS B 302 27.61 -19.83 -19.51
CA CYS B 302 27.99 -19.05 -18.32
C CYS B 302 29.06 -17.98 -18.59
N ASN B 303 29.49 -17.28 -17.52
CA ASN B 303 30.59 -16.32 -17.47
C ASN B 303 30.70 -15.35 -18.65
N GLY B 304 29.70 -15.34 -19.52
CA GLY B 304 29.65 -14.40 -20.63
C GLY B 304 28.37 -13.62 -20.51
N ILE B 305 27.76 -13.72 -19.33
CA ILE B 305 26.47 -13.11 -19.04
C ILE B 305 26.42 -11.66 -19.49
N SER B 306 27.43 -10.88 -19.08
CA SER B 306 27.43 -9.45 -19.35
C SER B 306 27.43 -9.13 -20.84
N SER B 307 28.00 -10.01 -21.67
CA SER B 307 28.05 -9.80 -23.11
C SER B 307 26.75 -10.15 -23.82
N MET B 308 25.85 -10.90 -23.17
CA MET B 308 24.60 -11.29 -23.79
C MET B 308 23.70 -10.07 -24.06
N PRO B 309 22.70 -10.23 -24.93
CA PRO B 309 21.76 -9.13 -25.17
C PRO B 309 20.56 -9.19 -24.25
N ASN B 310 19.95 -8.02 -24.03
CA ASN B 310 18.68 -7.98 -23.32
C ASN B 310 17.54 -8.49 -24.19
N ILE B 311 16.58 -9.12 -23.56
CA ILE B 311 15.32 -9.47 -24.21
C ILE B 311 14.27 -8.50 -23.73
N ALA B 312 13.34 -8.12 -24.61
CA ALA B 312 12.30 -7.16 -24.26
C ALA B 312 10.94 -7.64 -24.76
N PHE B 313 9.94 -7.58 -23.88
CA PHE B 313 8.56 -7.86 -24.29
C PHE B 313 7.80 -6.55 -24.50
N THR B 314 6.95 -6.53 -25.52
CA THR B 314 6.16 -5.36 -25.88
C THR B 314 4.74 -5.56 -25.35
N ILE B 315 4.43 -4.91 -24.24
CA ILE B 315 3.11 -5.02 -23.61
C ILE B 315 2.52 -3.62 -23.52
N GLY B 316 1.30 -3.45 -24.04
CA GLY B 316 0.64 -2.16 -24.03
C GLY B 316 1.43 -1.04 -24.70
N SER B 317 2.12 -1.35 -25.80
CA SER B 317 2.97 -0.37 -26.50
C SER B 317 4.03 0.22 -25.57
N LYS B 318 4.72 -0.66 -24.85
CA LYS B 318 5.89 -0.27 -24.05
C LYS B 318 6.82 -1.47 -23.99
N LEU B 319 8.11 -1.20 -23.86
CA LEU B 319 9.13 -2.24 -23.87
C LEU B 319 9.52 -2.59 -22.44
N PHE B 320 9.18 -3.80 -22.04
CA PHE B 320 9.61 -4.34 -20.77
C PHE B 320 10.85 -5.20 -21.04
N GLU B 321 12.01 -4.68 -20.67
CA GLU B 321 13.29 -5.28 -20.99
C GLU B 321 13.74 -6.16 -19.83
N VAL B 322 14.30 -7.33 -20.15
CA VAL B 322 14.87 -8.22 -19.15
C VAL B 322 16.35 -8.41 -19.48
N THR B 323 17.20 -8.28 -18.49
CA THR B 323 18.63 -8.36 -18.72
C THR B 323 19.15 -9.78 -18.56
N PRO B 324 20.31 -10.09 -19.13
CA PRO B 324 20.97 -11.38 -18.85
C PRO B 324 21.06 -11.69 -17.37
N GLU B 325 21.38 -10.69 -16.54
CA GLU B 325 21.42 -10.91 -15.09
C GLU B 325 20.09 -11.47 -14.58
N GLN B 326 18.97 -11.02 -15.16
CA GLN B 326 17.65 -11.42 -14.69
C GLN B 326 17.06 -12.66 -15.35
N TYR B 327 17.56 -13.10 -16.52
CA TYR B 327 16.96 -14.25 -17.18
C TYR B 327 17.86 -15.48 -17.21
N ILE B 328 19.07 -15.40 -16.66
CA ILE B 328 19.95 -16.54 -16.47
C ILE B 328 19.87 -16.97 -15.01
N TYR B 329 19.63 -18.26 -14.77
CA TYR B 329 19.64 -18.83 -13.43
C TYR B 329 21.00 -19.48 -13.17
N LYS B 330 21.49 -19.35 -11.94
CA LYS B 330 22.83 -19.77 -11.56
C LYS B 330 22.75 -20.82 -10.44
N VAL B 331 22.99 -22.08 -10.77
CA VAL B 331 22.83 -23.14 -9.79
C VAL B 331 23.97 -23.18 -8.78
N GLY B 332 25.11 -22.56 -9.09
CA GLY B 332 26.23 -22.53 -8.18
C GLY B 332 27.05 -21.25 -8.31
N ALA B 337 29.69 -24.67 -10.36
CA ALA B 337 28.96 -23.47 -10.80
C ALA B 337 28.34 -23.70 -12.18
N THR B 338 27.02 -23.57 -12.27
CA THR B 338 26.30 -23.75 -13.53
C THR B 338 25.36 -22.60 -13.81
N CYS B 339 25.52 -21.95 -14.96
CA CYS B 339 24.60 -20.94 -15.44
C CYS B 339 23.62 -21.57 -16.42
N ILE B 340 22.33 -21.39 -16.18
CA ILE B 340 21.29 -22.02 -16.99
C ILE B 340 20.30 -20.94 -17.45
N SER B 341 19.81 -21.08 -18.69
CA SER B 341 18.92 -20.11 -19.28
C SER B 341 17.48 -20.27 -18.79
N GLY B 342 16.82 -19.14 -18.55
CA GLY B 342 15.44 -19.15 -18.11
C GLY B 342 14.40 -19.20 -19.21
N PHE B 343 14.83 -19.08 -20.48
CA PHE B 343 13.90 -19.15 -21.61
C PHE B 343 13.76 -20.61 -22.02
N THR B 344 12.67 -21.24 -21.60
CA THR B 344 12.37 -22.63 -21.95
C THR B 344 11.32 -22.67 -23.05
N ALA B 345 11.45 -23.64 -23.95
CA ALA B 345 10.53 -23.77 -25.06
C ALA B 345 9.29 -24.51 -24.62
N LEU B 346 8.14 -24.03 -25.04
CA LEU B 346 6.89 -24.73 -24.77
C LEU B 346 5.83 -24.23 -25.74
N ASP B 347 5.25 -25.14 -26.51
CA ASP B 347 4.33 -24.80 -27.58
C ASP B 347 2.91 -25.13 -27.11
N ILE B 348 2.17 -24.08 -26.76
CA ILE B 348 0.77 -24.17 -26.39
C ILE B 348 -0.02 -23.31 -27.36
N MET B 349 -1.10 -23.86 -27.88
CA MET B 349 -1.97 -23.07 -28.73
C MET B 349 -3.05 -22.39 -27.89
N SER B 350 -3.67 -21.38 -28.46
CA SER B 350 -4.88 -20.78 -27.92
C SER B 350 -5.64 -20.18 -29.08
N PRO B 351 -6.92 -19.86 -28.91
CA PRO B 351 -7.63 -19.12 -29.96
C PRO B 351 -7.06 -17.74 -30.21
N GLN B 352 -6.16 -17.26 -29.35
CA GLN B 352 -5.52 -15.97 -29.49
C GLN B 352 -4.09 -16.07 -30.04
N GLY B 353 -3.62 -17.28 -30.31
CA GLY B 353 -2.28 -17.48 -30.78
C GLY B 353 -1.44 -18.22 -29.77
N PRO B 354 -0.23 -18.62 -30.17
CA PRO B 354 0.66 -19.35 -29.25
C PRO B 354 0.89 -18.59 -27.95
N ILE B 355 1.16 -19.34 -26.88
CA ILE B 355 1.08 -18.84 -25.51
C ILE B 355 2.48 -18.68 -24.94
N TRP B 356 2.73 -17.50 -24.36
CA TRP B 356 3.91 -17.29 -23.52
C TRP B 356 3.50 -17.34 -22.04
N ILE B 357 4.34 -17.95 -21.22
CA ILE B 357 4.20 -17.88 -19.78
C ILE B 357 5.29 -16.93 -19.28
N LEU B 358 4.89 -15.84 -18.64
CA LEU B 358 5.83 -14.93 -17.99
C LEU B 358 5.77 -15.25 -16.50
N GLY B 359 6.83 -15.83 -15.98
CA GLY B 359 6.87 -16.31 -14.62
C GLY B 359 7.53 -15.34 -13.67
N ASP B 360 8.21 -15.91 -12.65
CA ASP B 360 8.74 -15.11 -11.57
C ASP B 360 9.92 -14.24 -12.00
N MET B 361 10.72 -14.72 -12.95
CA MET B 361 11.82 -13.91 -13.48
C MET B 361 11.31 -12.62 -14.10
N PHE B 362 10.07 -12.60 -14.59
CA PHE B 362 9.50 -11.35 -15.07
C PHE B 362 8.75 -10.61 -13.96
N MET B 363 7.94 -11.32 -13.17
CA MET B 363 7.14 -10.68 -12.13
C MET B 363 7.97 -10.15 -10.96
N GLY B 364 9.23 -10.60 -10.83
CA GLY B 364 10.17 -10.04 -9.91
C GLY B 364 10.54 -8.60 -10.27
N PRO B 365 11.19 -8.40 -11.43
CA PRO B 365 11.52 -7.02 -11.84
C PRO B 365 10.30 -6.15 -12.11
N TYR B 366 9.13 -6.72 -12.34
CA TYR B 366 7.95 -5.94 -12.70
C TYR B 366 6.82 -6.27 -11.74
N HIS B 367 6.55 -5.33 -10.85
CA HIS B 367 5.44 -5.43 -9.92
C HIS B 367 4.15 -5.62 -10.74
N THR B 368 3.30 -6.56 -10.31
CA THR B 368 2.15 -7.00 -11.09
C THR B 368 0.84 -6.87 -10.31
N VAL B 369 -0.13 -6.18 -10.91
CA VAL B 369 -1.48 -6.07 -10.38
C VAL B 369 -2.44 -6.94 -11.21
N PHE B 370 -3.24 -7.75 -10.53
CA PHE B 370 -4.27 -8.56 -11.18
C PHE B 370 -5.59 -7.89 -10.84
N ASP B 371 -6.15 -7.20 -11.81
CA ASP B 371 -7.32 -6.35 -11.61
C ASP B 371 -8.53 -7.16 -12.08
N TYR B 372 -9.16 -7.85 -11.12
CA TYR B 372 -10.31 -8.69 -11.41
C TYR B 372 -11.54 -7.85 -11.72
N GLY B 373 -11.69 -6.71 -11.05
CA GLY B 373 -12.86 -5.87 -11.27
C GLY B 373 -12.90 -5.24 -12.64
N LYS B 374 -11.75 -4.95 -13.23
CA LYS B 374 -11.72 -4.41 -14.58
C LYS B 374 -11.19 -5.41 -15.61
N LEU B 375 -10.91 -6.65 -15.23
CA LEU B 375 -10.37 -7.68 -16.11
C LEU B 375 -9.15 -7.18 -16.88
N ARG B 376 -8.10 -6.90 -16.11
CA ARG B 376 -6.86 -6.36 -16.66
C ARG B 376 -5.70 -6.74 -15.75
N VAL B 377 -4.50 -6.64 -16.32
CA VAL B 377 -3.26 -6.97 -15.63
C VAL B 377 -2.33 -5.80 -15.88
N GLY B 378 -1.64 -5.36 -14.84
CA GLY B 378 -0.78 -4.19 -14.93
C GLY B 378 0.61 -4.46 -14.40
N PHE B 379 1.61 -3.93 -15.09
CA PHE B 379 3.00 -4.12 -14.71
C PHE B 379 3.71 -2.79 -14.49
N ALA B 380 4.56 -2.77 -13.46
CA ALA B 380 5.31 -1.55 -13.14
C ALA B 380 6.73 -1.91 -12.75
N GLU B 381 7.60 -0.93 -12.86
CA GLU B 381 8.95 -1.10 -12.34
C GLU B 381 8.94 -1.31 -10.81
N ALA B 382 9.52 -2.44 -10.38
CA ALA B 382 9.53 -2.84 -8.97
C ALA B 382 10.73 -2.26 -8.22
N VAL B 383 10.50 -1.96 -6.93
CA VAL B 383 11.55 -1.49 -6.05
C VAL B 383 11.47 -2.26 -4.73
#